data_1DPI
# 
_entry.id   1DPI 
# 
_audit_conform.dict_name       mmcif_pdbx.dic 
_audit_conform.dict_version    5.385 
_audit_conform.dict_location   http://mmcif.pdb.org/dictionaries/ascii/mmcif_pdbx.dic 
# 
loop_
_database_2.database_id 
_database_2.database_code 
_database_2.pdbx_database_accession 
_database_2.pdbx_DOI 
PDB   1DPI         pdb_00001dpi 10.2210/pdb1dpi/pdb 
WWPDB D_1000172888 ?            ?                   
# 
loop_
_pdbx_audit_revision_history.ordinal 
_pdbx_audit_revision_history.data_content_type 
_pdbx_audit_revision_history.major_revision 
_pdbx_audit_revision_history.minor_revision 
_pdbx_audit_revision_history.revision_date 
1 'Structure model' 1 0 1987-10-16 
2 'Structure model' 1 1 2008-03-24 
3 'Structure model' 1 2 2011-07-13 
4 'Structure model' 1 3 2024-02-07 
# 
_pdbx_audit_revision_details.ordinal             1 
_pdbx_audit_revision_details.revision_ordinal    1 
_pdbx_audit_revision_details.data_content_type   'Structure model' 
_pdbx_audit_revision_details.provider            repository 
_pdbx_audit_revision_details.type                'Initial release' 
_pdbx_audit_revision_details.description         ? 
_pdbx_audit_revision_details.details             ? 
# 
loop_
_pdbx_audit_revision_group.ordinal 
_pdbx_audit_revision_group.revision_ordinal 
_pdbx_audit_revision_group.data_content_type 
_pdbx_audit_revision_group.group 
1 2 'Structure model' 'Version format compliance' 
2 3 'Structure model' 'Version format compliance' 
3 4 'Structure model' 'Data collection'           
4 4 'Structure model' 'Database references'       
5 4 'Structure model' Other                       
# 
loop_
_pdbx_audit_revision_category.ordinal 
_pdbx_audit_revision_category.revision_ordinal 
_pdbx_audit_revision_category.data_content_type 
_pdbx_audit_revision_category.category 
1 4 'Structure model' chem_comp_atom       
2 4 'Structure model' chem_comp_bond       
3 4 'Structure model' database_2           
4 4 'Structure model' pdbx_database_status 
# 
loop_
_pdbx_audit_revision_item.ordinal 
_pdbx_audit_revision_item.revision_ordinal 
_pdbx_audit_revision_item.data_content_type 
_pdbx_audit_revision_item.item 
1 4 'Structure model' '_database_2.pdbx_DOI'                
2 4 'Structure model' '_database_2.pdbx_database_accession' 
3 4 'Structure model' '_pdbx_database_status.process_site'  
# 
_pdbx_database_status.status_code                     REL 
_pdbx_database_status.entry_id                        1DPI 
_pdbx_database_status.recvd_initial_deposition_date   1987-08-11 
_pdbx_database_status.deposit_site                    ? 
_pdbx_database_status.process_site                    BNL 
_pdbx_database_status.SG_entry                        . 
_pdbx_database_status.pdb_format_compatible           Y 
_pdbx_database_status.status_code_mr                  ? 
_pdbx_database_status.status_code_sf                  ? 
_pdbx_database_status.status_code_cs                  ? 
_pdbx_database_status.status_code_nmr_data            ? 
_pdbx_database_status.methods_development_category    ? 
# 
loop_
_audit_author.name 
_audit_author.pdbx_ordinal 
'Beese, L.'  1 
'Ollis, D.'  2 
'Steitz, T.' 3 
# 
loop_
_citation.id 
_citation.title 
_citation.journal_abbrev 
_citation.journal_volume 
_citation.page_first 
_citation.page_last 
_citation.year 
_citation.journal_id_ASTM 
_citation.country 
_citation.journal_id_ISSN 
_citation.journal_id_CSD 
_citation.book_publisher 
_citation.pdbx_database_id_PubMed 
_citation.pdbx_database_id_DOI 
primary 'Structure of large fragment of Escherichia coli DNA polymerase I complexed with dTMP.' Nature       313 762  766 1985 
NATUAS UK 0028-0836 0006 ? 3883192 10.1038/313762a0 
1       'Domain of E. Coli DNA Polymerase I Showing Sequence Homology to T7 DNA Polymerase' Nature       313 818  ?   1985 NATUAS 
UK 0028-0836 0006 ? ?       ?                
2       
'Crystallization and 7 Angstroms Resolution Electron Density Map of the Large Fragment of Escherichia Coli DNA Polymerase I' 
J.Mol.Biol.  166 453  ?   1983 JMOBAK UK 0022-2836 0070 ? ?       ?                
3       'Nucleotide Sequence of the Escherichia Coli Pola Gene and Primary Structure of DNA Polymerase I' J.Biol.Chem. 257 1958 ? 
1982 JBCHA3 US 0021-9258 0071 ? ?       ?                
4       'Escherichia Coli DNA Polymerase I. Sequence Characterization and Secondary Structure Prediction' J.Biol.Chem. 257 1965 ? 
1982 JBCHA3 US 0021-9258 0071 ? ?       ?                
# 
loop_
_citation_author.citation_id 
_citation_author.name 
_citation_author.ordinal 
_citation_author.identifier_ORCID 
primary 'Ollis, D.L.'      1  ? 
primary 'Brick, P.'        2  ? 
primary 'Hamlin, R.'       3  ? 
primary 'Xuong, N.G.'      4  ? 
primary 'Steitz, T.A.'     5  ? 
1       'Ollis, D.L.'      6  ? 
1       'Kline, C.'        7  ? 
1       'Steitz, T.A.'     8  ? 
2       'Brick, P.'        9  ? 
2       'Ollis, D.'        10 ? 
2       'Steitz, T.A.'     11 ? 
3       'Joyce, C.M.'      12 ? 
3       'Kelley, W.S.'     13 ? 
3       'Grindley, N.D.F.' 14 ? 
4       'Brown, W.E.'      15 ? 
4       'Stump, K.H.'      16 ? 
4       'Kelley, W.S.'     17 ? 
# 
loop_
_entity.id 
_entity.type 
_entity.src_method 
_entity.pdbx_description 
_entity.formula_weight 
_entity.pdbx_number_of_molecules 
_entity.pdbx_ec 
_entity.pdbx_mutation 
_entity.pdbx_fragment 
_entity.details 
1 polymer     man 'DNA POLYMERASE I KLENOW FRAGMENT' 68161.688 1 2.7.7.7 ? ? ? 
2 non-polymer syn 'ZINC ION'                         65.409    1 ?       ? ? ? 
# 
_entity_poly.entity_id                      1 
_entity_poly.type                           'polypeptide(L)' 
_entity_poly.nstd_linkage                   no 
_entity_poly.nstd_monomer                   no 
_entity_poly.pdbx_seq_one_letter_code       
;VISYDNYVTILDEETLKAWIAKLEKAPVFAFDTETDSLDNISANLVGLSFAIEPGVAAYIPVAHDYLDAPDQISRERALE
LLKPLLEDEKALKVGQNLKYDRGILANYGIELRGIAFDTMLESYILNSVAGRHDMDSLAERWLKHKTITFEEIAGKGKNQ
LTFNQIALEEAGRYAAEDADVTLQLHLKMWPDLQKHKGPLNVFENIEMPLVPVLSRIERNGVKIDPKVLHNHSEELTLRL
AELEKKAHEIAGEEFNLSSTKQLQTILFEKQGIKPLKKTPGGAPSTSEEVLEELALDYPLPKVILEYRGLAKLKSTYTDK
LPLMINPKTGRVHTSYHQAVTATGRLSSTDPNLQNIPVRNEEGRRIRQAFIAPEDYVIVSADYSQIELRIMAHLSRDKGL
LTAFAEGKDIHRATAAEVFGLPLETVTSEQRRSAKAINFGLIYGMSAFGLARQLNIPRKEAQKYMDLYFERYPGVLEYME
RTRAQAKEQGYVETLDGRRLYLPDIKSSNGARRAAAERAAINAPMQGTAADIIKRAMIAVDAWLQAEQPRVRMIMQVHDE
LVFEVHKDDVDAVAKQIHQLMENCTRLDVPLLVEVGSGENWDQAH
;
_entity_poly.pdbx_seq_one_letter_code_can   
;VISYDNYVTILDEETLKAWIAKLEKAPVFAFDTETDSLDNISANLVGLSFAIEPGVAAYIPVAHDYLDAPDQISRERALE
LLKPLLEDEKALKVGQNLKYDRGILANYGIELRGIAFDTMLESYILNSVAGRHDMDSLAERWLKHKTITFEEIAGKGKNQ
LTFNQIALEEAGRYAAEDADVTLQLHLKMWPDLQKHKGPLNVFENIEMPLVPVLSRIERNGVKIDPKVLHNHSEELTLRL
AELEKKAHEIAGEEFNLSSTKQLQTILFEKQGIKPLKKTPGGAPSTSEEVLEELALDYPLPKVILEYRGLAKLKSTYTDK
LPLMINPKTGRVHTSYHQAVTATGRLSSTDPNLQNIPVRNEEGRRIRQAFIAPEDYVIVSADYSQIELRIMAHLSRDKGL
LTAFAEGKDIHRATAAEVFGLPLETVTSEQRRSAKAINFGLIYGMSAFGLARQLNIPRKEAQKYMDLYFERYPGVLEYME
RTRAQAKEQGYVETLDGRRLYLPDIKSSNGARRAAAERAAINAPMQGTAADIIKRAMIAVDAWLQAEQPRVRMIMQVHDE
LVFEVHKDDVDAVAKQIHQLMENCTRLDVPLLVEVGSGENWDQAH
;
_entity_poly.pdbx_strand_id                 A 
_entity_poly.pdbx_target_identifier         ? 
# 
_pdbx_entity_nonpoly.entity_id   2 
_pdbx_entity_nonpoly.name        'ZINC ION' 
_pdbx_entity_nonpoly.comp_id     ZN 
# 
loop_
_entity_poly_seq.entity_id 
_entity_poly_seq.num 
_entity_poly_seq.mon_id 
_entity_poly_seq.hetero 
1 1   VAL n 
1 2   ILE n 
1 3   SER n 
1 4   TYR n 
1 5   ASP n 
1 6   ASN n 
1 7   TYR n 
1 8   VAL n 
1 9   THR n 
1 10  ILE n 
1 11  LEU n 
1 12  ASP n 
1 13  GLU n 
1 14  GLU n 
1 15  THR n 
1 16  LEU n 
1 17  LYS n 
1 18  ALA n 
1 19  TRP n 
1 20  ILE n 
1 21  ALA n 
1 22  LYS n 
1 23  LEU n 
1 24  GLU n 
1 25  LYS n 
1 26  ALA n 
1 27  PRO n 
1 28  VAL n 
1 29  PHE n 
1 30  ALA n 
1 31  PHE n 
1 32  ASP n 
1 33  THR n 
1 34  GLU n 
1 35  THR n 
1 36  ASP n 
1 37  SER n 
1 38  LEU n 
1 39  ASP n 
1 40  ASN n 
1 41  ILE n 
1 42  SER n 
1 43  ALA n 
1 44  ASN n 
1 45  LEU n 
1 46  VAL n 
1 47  GLY n 
1 48  LEU n 
1 49  SER n 
1 50  PHE n 
1 51  ALA n 
1 52  ILE n 
1 53  GLU n 
1 54  PRO n 
1 55  GLY n 
1 56  VAL n 
1 57  ALA n 
1 58  ALA n 
1 59  TYR n 
1 60  ILE n 
1 61  PRO n 
1 62  VAL n 
1 63  ALA n 
1 64  HIS n 
1 65  ASP n 
1 66  TYR n 
1 67  LEU n 
1 68  ASP n 
1 69  ALA n 
1 70  PRO n 
1 71  ASP n 
1 72  GLN n 
1 73  ILE n 
1 74  SER n 
1 75  ARG n 
1 76  GLU n 
1 77  ARG n 
1 78  ALA n 
1 79  LEU n 
1 80  GLU n 
1 81  LEU n 
1 82  LEU n 
1 83  LYS n 
1 84  PRO n 
1 85  LEU n 
1 86  LEU n 
1 87  GLU n 
1 88  ASP n 
1 89  GLU n 
1 90  LYS n 
1 91  ALA n 
1 92  LEU n 
1 93  LYS n 
1 94  VAL n 
1 95  GLY n 
1 96  GLN n 
1 97  ASN n 
1 98  LEU n 
1 99  LYS n 
1 100 TYR n 
1 101 ASP n 
1 102 ARG n 
1 103 GLY n 
1 104 ILE n 
1 105 LEU n 
1 106 ALA n 
1 107 ASN n 
1 108 TYR n 
1 109 GLY n 
1 110 ILE n 
1 111 GLU n 
1 112 LEU n 
1 113 ARG n 
1 114 GLY n 
1 115 ILE n 
1 116 ALA n 
1 117 PHE n 
1 118 ASP n 
1 119 THR n 
1 120 MET n 
1 121 LEU n 
1 122 GLU n 
1 123 SER n 
1 124 TYR n 
1 125 ILE n 
1 126 LEU n 
1 127 ASN n 
1 128 SER n 
1 129 VAL n 
1 130 ALA n 
1 131 GLY n 
1 132 ARG n 
1 133 HIS n 
1 134 ASP n 
1 135 MET n 
1 136 ASP n 
1 137 SER n 
1 138 LEU n 
1 139 ALA n 
1 140 GLU n 
1 141 ARG n 
1 142 TRP n 
1 143 LEU n 
1 144 LYS n 
1 145 HIS n 
1 146 LYS n 
1 147 THR n 
1 148 ILE n 
1 149 THR n 
1 150 PHE n 
1 151 GLU n 
1 152 GLU n 
1 153 ILE n 
1 154 ALA n 
1 155 GLY n 
1 156 LYS n 
1 157 GLY n 
1 158 LYS n 
1 159 ASN n 
1 160 GLN n 
1 161 LEU n 
1 162 THR n 
1 163 PHE n 
1 164 ASN n 
1 165 GLN n 
1 166 ILE n 
1 167 ALA n 
1 168 LEU n 
1 169 GLU n 
1 170 GLU n 
1 171 ALA n 
1 172 GLY n 
1 173 ARG n 
1 174 TYR n 
1 175 ALA n 
1 176 ALA n 
1 177 GLU n 
1 178 ASP n 
1 179 ALA n 
1 180 ASP n 
1 181 VAL n 
1 182 THR n 
1 183 LEU n 
1 184 GLN n 
1 185 LEU n 
1 186 HIS n 
1 187 LEU n 
1 188 LYS n 
1 189 MET n 
1 190 TRP n 
1 191 PRO n 
1 192 ASP n 
1 193 LEU n 
1 194 GLN n 
1 195 LYS n 
1 196 HIS n 
1 197 LYS n 
1 198 GLY n 
1 199 PRO n 
1 200 LEU n 
1 201 ASN n 
1 202 VAL n 
1 203 PHE n 
1 204 GLU n 
1 205 ASN n 
1 206 ILE n 
1 207 GLU n 
1 208 MET n 
1 209 PRO n 
1 210 LEU n 
1 211 VAL n 
1 212 PRO n 
1 213 VAL n 
1 214 LEU n 
1 215 SER n 
1 216 ARG n 
1 217 ILE n 
1 218 GLU n 
1 219 ARG n 
1 220 ASN n 
1 221 GLY n 
1 222 VAL n 
1 223 LYS n 
1 224 ILE n 
1 225 ASP n 
1 226 PRO n 
1 227 LYS n 
1 228 VAL n 
1 229 LEU n 
1 230 HIS n 
1 231 ASN n 
1 232 HIS n 
1 233 SER n 
1 234 GLU n 
1 235 GLU n 
1 236 LEU n 
1 237 THR n 
1 238 LEU n 
1 239 ARG n 
1 240 LEU n 
1 241 ALA n 
1 242 GLU n 
1 243 LEU n 
1 244 GLU n 
1 245 LYS n 
1 246 LYS n 
1 247 ALA n 
1 248 HIS n 
1 249 GLU n 
1 250 ILE n 
1 251 ALA n 
1 252 GLY n 
1 253 GLU n 
1 254 GLU n 
1 255 PHE n 
1 256 ASN n 
1 257 LEU n 
1 258 SER n 
1 259 SER n 
1 260 THR n 
1 261 LYS n 
1 262 GLN n 
1 263 LEU n 
1 264 GLN n 
1 265 THR n 
1 266 ILE n 
1 267 LEU n 
1 268 PHE n 
1 269 GLU n 
1 270 LYS n 
1 271 GLN n 
1 272 GLY n 
1 273 ILE n 
1 274 LYS n 
1 275 PRO n 
1 276 LEU n 
1 277 LYS n 
1 278 LYS n 
1 279 THR n 
1 280 PRO n 
1 281 GLY n 
1 282 GLY n 
1 283 ALA n 
1 284 PRO n 
1 285 SER n 
1 286 THR n 
1 287 SER n 
1 288 GLU n 
1 289 GLU n 
1 290 VAL n 
1 291 LEU n 
1 292 GLU n 
1 293 GLU n 
1 294 LEU n 
1 295 ALA n 
1 296 LEU n 
1 297 ASP n 
1 298 TYR n 
1 299 PRO n 
1 300 LEU n 
1 301 PRO n 
1 302 LYS n 
1 303 VAL n 
1 304 ILE n 
1 305 LEU n 
1 306 GLU n 
1 307 TYR n 
1 308 ARG n 
1 309 GLY n 
1 310 LEU n 
1 311 ALA n 
1 312 LYS n 
1 313 LEU n 
1 314 LYS n 
1 315 SER n 
1 316 THR n 
1 317 TYR n 
1 318 THR n 
1 319 ASP n 
1 320 LYS n 
1 321 LEU n 
1 322 PRO n 
1 323 LEU n 
1 324 MET n 
1 325 ILE n 
1 326 ASN n 
1 327 PRO n 
1 328 LYS n 
1 329 THR n 
1 330 GLY n 
1 331 ARG n 
1 332 VAL n 
1 333 HIS n 
1 334 THR n 
1 335 SER n 
1 336 TYR n 
1 337 HIS n 
1 338 GLN n 
1 339 ALA n 
1 340 VAL n 
1 341 THR n 
1 342 ALA n 
1 343 THR n 
1 344 GLY n 
1 345 ARG n 
1 346 LEU n 
1 347 SER n 
1 348 SER n 
1 349 THR n 
1 350 ASP n 
1 351 PRO n 
1 352 ASN n 
1 353 LEU n 
1 354 GLN n 
1 355 ASN n 
1 356 ILE n 
1 357 PRO n 
1 358 VAL n 
1 359 ARG n 
1 360 ASN n 
1 361 GLU n 
1 362 GLU n 
1 363 GLY n 
1 364 ARG n 
1 365 ARG n 
1 366 ILE n 
1 367 ARG n 
1 368 GLN n 
1 369 ALA n 
1 370 PHE n 
1 371 ILE n 
1 372 ALA n 
1 373 PRO n 
1 374 GLU n 
1 375 ASP n 
1 376 TYR n 
1 377 VAL n 
1 378 ILE n 
1 379 VAL n 
1 380 SER n 
1 381 ALA n 
1 382 ASP n 
1 383 TYR n 
1 384 SER n 
1 385 GLN n 
1 386 ILE n 
1 387 GLU n 
1 388 LEU n 
1 389 ARG n 
1 390 ILE n 
1 391 MET n 
1 392 ALA n 
1 393 HIS n 
1 394 LEU n 
1 395 SER n 
1 396 ARG n 
1 397 ASP n 
1 398 LYS n 
1 399 GLY n 
1 400 LEU n 
1 401 LEU n 
1 402 THR n 
1 403 ALA n 
1 404 PHE n 
1 405 ALA n 
1 406 GLU n 
1 407 GLY n 
1 408 LYS n 
1 409 ASP n 
1 410 ILE n 
1 411 HIS n 
1 412 ARG n 
1 413 ALA n 
1 414 THR n 
1 415 ALA n 
1 416 ALA n 
1 417 GLU n 
1 418 VAL n 
1 419 PHE n 
1 420 GLY n 
1 421 LEU n 
1 422 PRO n 
1 423 LEU n 
1 424 GLU n 
1 425 THR n 
1 426 VAL n 
1 427 THR n 
1 428 SER n 
1 429 GLU n 
1 430 GLN n 
1 431 ARG n 
1 432 ARG n 
1 433 SER n 
1 434 ALA n 
1 435 LYS n 
1 436 ALA n 
1 437 ILE n 
1 438 ASN n 
1 439 PHE n 
1 440 GLY n 
1 441 LEU n 
1 442 ILE n 
1 443 TYR n 
1 444 GLY n 
1 445 MET n 
1 446 SER n 
1 447 ALA n 
1 448 PHE n 
1 449 GLY n 
1 450 LEU n 
1 451 ALA n 
1 452 ARG n 
1 453 GLN n 
1 454 LEU n 
1 455 ASN n 
1 456 ILE n 
1 457 PRO n 
1 458 ARG n 
1 459 LYS n 
1 460 GLU n 
1 461 ALA n 
1 462 GLN n 
1 463 LYS n 
1 464 TYR n 
1 465 MET n 
1 466 ASP n 
1 467 LEU n 
1 468 TYR n 
1 469 PHE n 
1 470 GLU n 
1 471 ARG n 
1 472 TYR n 
1 473 PRO n 
1 474 GLY n 
1 475 VAL n 
1 476 LEU n 
1 477 GLU n 
1 478 TYR n 
1 479 MET n 
1 480 GLU n 
1 481 ARG n 
1 482 THR n 
1 483 ARG n 
1 484 ALA n 
1 485 GLN n 
1 486 ALA n 
1 487 LYS n 
1 488 GLU n 
1 489 GLN n 
1 490 GLY n 
1 491 TYR n 
1 492 VAL n 
1 493 GLU n 
1 494 THR n 
1 495 LEU n 
1 496 ASP n 
1 497 GLY n 
1 498 ARG n 
1 499 ARG n 
1 500 LEU n 
1 501 TYR n 
1 502 LEU n 
1 503 PRO n 
1 504 ASP n 
1 505 ILE n 
1 506 LYS n 
1 507 SER n 
1 508 SER n 
1 509 ASN n 
1 510 GLY n 
1 511 ALA n 
1 512 ARG n 
1 513 ARG n 
1 514 ALA n 
1 515 ALA n 
1 516 ALA n 
1 517 GLU n 
1 518 ARG n 
1 519 ALA n 
1 520 ALA n 
1 521 ILE n 
1 522 ASN n 
1 523 ALA n 
1 524 PRO n 
1 525 MET n 
1 526 GLN n 
1 527 GLY n 
1 528 THR n 
1 529 ALA n 
1 530 ALA n 
1 531 ASP n 
1 532 ILE n 
1 533 ILE n 
1 534 LYS n 
1 535 ARG n 
1 536 ALA n 
1 537 MET n 
1 538 ILE n 
1 539 ALA n 
1 540 VAL n 
1 541 ASP n 
1 542 ALA n 
1 543 TRP n 
1 544 LEU n 
1 545 GLN n 
1 546 ALA n 
1 547 GLU n 
1 548 GLN n 
1 549 PRO n 
1 550 ARG n 
1 551 VAL n 
1 552 ARG n 
1 553 MET n 
1 554 ILE n 
1 555 MET n 
1 556 GLN n 
1 557 VAL n 
1 558 HIS n 
1 559 ASP n 
1 560 GLU n 
1 561 LEU n 
1 562 VAL n 
1 563 PHE n 
1 564 GLU n 
1 565 VAL n 
1 566 HIS n 
1 567 LYS n 
1 568 ASP n 
1 569 ASP n 
1 570 VAL n 
1 571 ASP n 
1 572 ALA n 
1 573 VAL n 
1 574 ALA n 
1 575 LYS n 
1 576 GLN n 
1 577 ILE n 
1 578 HIS n 
1 579 GLN n 
1 580 LEU n 
1 581 MET n 
1 582 GLU n 
1 583 ASN n 
1 584 CYS n 
1 585 THR n 
1 586 ARG n 
1 587 LEU n 
1 588 ASP n 
1 589 VAL n 
1 590 PRO n 
1 591 LEU n 
1 592 LEU n 
1 593 VAL n 
1 594 GLU n 
1 595 VAL n 
1 596 GLY n 
1 597 SER n 
1 598 GLY n 
1 599 GLU n 
1 600 ASN n 
1 601 TRP n 
1 602 ASP n 
1 603 GLN n 
1 604 ALA n 
1 605 HIS n 
# 
_entity_src_gen.entity_id                          1 
_entity_src_gen.pdbx_src_id                        1 
_entity_src_gen.pdbx_alt_source_flag               sample 
_entity_src_gen.pdbx_seq_type                      ? 
_entity_src_gen.pdbx_beg_seq_num                   ? 
_entity_src_gen.pdbx_end_seq_num                   ? 
_entity_src_gen.gene_src_common_name               ? 
_entity_src_gen.gene_src_genus                     Escherichia 
_entity_src_gen.pdbx_gene_src_gene                 T7 
_entity_src_gen.gene_src_species                   ? 
_entity_src_gen.gene_src_strain                    ? 
_entity_src_gen.gene_src_tissue                    ? 
_entity_src_gen.gene_src_tissue_fraction           ? 
_entity_src_gen.gene_src_details                   ? 
_entity_src_gen.pdbx_gene_src_fragment             ? 
_entity_src_gen.pdbx_gene_src_scientific_name      'Escherichia coli' 
_entity_src_gen.pdbx_gene_src_ncbi_taxonomy_id     562 
_entity_src_gen.pdbx_gene_src_variant              ? 
_entity_src_gen.pdbx_gene_src_cell_line            ? 
_entity_src_gen.pdbx_gene_src_atcc                 ? 
_entity_src_gen.pdbx_gene_src_organ                ? 
_entity_src_gen.pdbx_gene_src_organelle            ? 
_entity_src_gen.pdbx_gene_src_cell                 ? 
_entity_src_gen.pdbx_gene_src_cellular_location    ? 
_entity_src_gen.host_org_common_name               ? 
_entity_src_gen.pdbx_host_org_scientific_name      ? 
_entity_src_gen.pdbx_host_org_ncbi_taxonomy_id     ? 
_entity_src_gen.host_org_genus                     ? 
_entity_src_gen.pdbx_host_org_gene                 T7 
_entity_src_gen.pdbx_host_org_organ                ? 
_entity_src_gen.host_org_species                   ? 
_entity_src_gen.pdbx_host_org_tissue               ? 
_entity_src_gen.pdbx_host_org_tissue_fraction      ? 
_entity_src_gen.pdbx_host_org_strain               ? 
_entity_src_gen.pdbx_host_org_variant              ? 
_entity_src_gen.pdbx_host_org_cell_line            ? 
_entity_src_gen.pdbx_host_org_atcc                 ? 
_entity_src_gen.pdbx_host_org_culture_collection   ? 
_entity_src_gen.pdbx_host_org_cell                 ? 
_entity_src_gen.pdbx_host_org_organelle            ? 
_entity_src_gen.pdbx_host_org_cellular_location    ? 
_entity_src_gen.pdbx_host_org_vector_type          T7 
_entity_src_gen.pdbx_host_org_vector               ? 
_entity_src_gen.host_org_details                   ? 
_entity_src_gen.expression_system_id               ? 
_entity_src_gen.plasmid_name                       T7 
_entity_src_gen.plasmid_details                    ? 
_entity_src_gen.pdbx_description                   ? 
# 
loop_
_chem_comp.id 
_chem_comp.type 
_chem_comp.mon_nstd_flag 
_chem_comp.name 
_chem_comp.pdbx_synonyms 
_chem_comp.formula 
_chem_comp.formula_weight 
ALA 'L-peptide linking' y ALANINE         ? 'C3 H7 N O2'     89.093  
ARG 'L-peptide linking' y ARGININE        ? 'C6 H15 N4 O2 1' 175.209 
ASN 'L-peptide linking' y ASPARAGINE      ? 'C4 H8 N2 O3'    132.118 
ASP 'L-peptide linking' y 'ASPARTIC ACID' ? 'C4 H7 N O4'     133.103 
CYS 'L-peptide linking' y CYSTEINE        ? 'C3 H7 N O2 S'   121.158 
GLN 'L-peptide linking' y GLUTAMINE       ? 'C5 H10 N2 O3'   146.144 
GLU 'L-peptide linking' y 'GLUTAMIC ACID' ? 'C5 H9 N O4'     147.129 
GLY 'peptide linking'   y GLYCINE         ? 'C2 H5 N O2'     75.067  
HIS 'L-peptide linking' y HISTIDINE       ? 'C6 H10 N3 O2 1' 156.162 
ILE 'L-peptide linking' y ISOLEUCINE      ? 'C6 H13 N O2'    131.173 
LEU 'L-peptide linking' y LEUCINE         ? 'C6 H13 N O2'    131.173 
LYS 'L-peptide linking' y LYSINE          ? 'C6 H15 N2 O2 1' 147.195 
MET 'L-peptide linking' y METHIONINE      ? 'C5 H11 N O2 S'  149.211 
PHE 'L-peptide linking' y PHENYLALANINE   ? 'C9 H11 N O2'    165.189 
PRO 'L-peptide linking' y PROLINE         ? 'C5 H9 N O2'     115.130 
SER 'L-peptide linking' y SERINE          ? 'C3 H7 N O3'     105.093 
THR 'L-peptide linking' y THREONINE       ? 'C4 H9 N O3'     119.119 
TRP 'L-peptide linking' y TRYPTOPHAN      ? 'C11 H12 N2 O2'  204.225 
TYR 'L-peptide linking' y TYROSINE        ? 'C9 H11 N O3'    181.189 
VAL 'L-peptide linking' y VALINE          ? 'C5 H11 N O2'    117.146 
ZN  non-polymer         . 'ZINC ION'      ? 'Zn 2'           65.409  
# 
loop_
_pdbx_poly_seq_scheme.asym_id 
_pdbx_poly_seq_scheme.entity_id 
_pdbx_poly_seq_scheme.seq_id 
_pdbx_poly_seq_scheme.mon_id 
_pdbx_poly_seq_scheme.ndb_seq_num 
_pdbx_poly_seq_scheme.pdb_seq_num 
_pdbx_poly_seq_scheme.auth_seq_num 
_pdbx_poly_seq_scheme.pdb_mon_id 
_pdbx_poly_seq_scheme.auth_mon_id 
_pdbx_poly_seq_scheme.pdb_strand_id 
_pdbx_poly_seq_scheme.pdb_ins_code 
_pdbx_poly_seq_scheme.hetero 
A 1 1   VAL 1   324 ?   ?   ?   A . n 
A 1 2   ILE 2   325 ?   ?   ?   A . n 
A 1 3   SER 3   326 326 SER SER A . n 
A 1 4   TYR 4   327 327 TYR TYR A . n 
A 1 5   ASP 5   328 328 ASP ASP A . n 
A 1 6   ASN 6   329 329 ASN ASN A . n 
A 1 7   TYR 7   330 330 TYR TYR A . n 
A 1 8   VAL 8   331 331 VAL VAL A . n 
A 1 9   THR 9   332 332 THR THR A . n 
A 1 10  ILE 10  333 333 ILE ILE A . n 
A 1 11  LEU 11  334 334 LEU LEU A . n 
A 1 12  ASP 12  335 335 ASP ASP A . n 
A 1 13  GLU 13  336 336 GLU GLU A . n 
A 1 14  GLU 14  337 337 GLU GLU A . n 
A 1 15  THR 15  338 338 THR THR A . n 
A 1 16  LEU 16  339 339 LEU LEU A . n 
A 1 17  LYS 17  340 340 LYS LYS A . n 
A 1 18  ALA 18  341 341 ALA ALA A . n 
A 1 19  TRP 19  342 342 TRP TRP A . n 
A 1 20  ILE 20  343 343 ILE ILE A . n 
A 1 21  ALA 21  344 344 ALA ALA A . n 
A 1 22  LYS 22  345 345 LYS LYS A . n 
A 1 23  LEU 23  346 346 LEU LEU A . n 
A 1 24  GLU 24  347 347 GLU GLU A . n 
A 1 25  LYS 25  348 348 LYS LYS A . n 
A 1 26  ALA 26  349 349 ALA ALA A . n 
A 1 27  PRO 27  350 350 PRO PRO A . n 
A 1 28  VAL 28  351 351 VAL VAL A . n 
A 1 29  PHE 29  352 352 PHE PHE A . n 
A 1 30  ALA 30  353 353 ALA ALA A . n 
A 1 31  PHE 31  354 354 PHE PHE A . n 
A 1 32  ASP 32  355 355 ASP ASP A . n 
A 1 33  THR 33  356 356 THR THR A . n 
A 1 34  GLU 34  357 357 GLU GLU A . n 
A 1 35  THR 35  358 358 THR THR A . n 
A 1 36  ASP 36  359 359 ASP ASP A . n 
A 1 37  SER 37  360 360 SER SER A . n 
A 1 38  LEU 38  361 361 LEU LEU A . n 
A 1 39  ASP 39  362 362 ASP ASP A . n 
A 1 40  ASN 40  363 363 ASN ASN A . n 
A 1 41  ILE 41  364 364 ILE ILE A . n 
A 1 42  SER 42  365 365 SER SER A . n 
A 1 43  ALA 43  366 366 ALA ALA A . n 
A 1 44  ASN 44  367 367 ASN ASN A . n 
A 1 45  LEU 45  368 368 LEU LEU A . n 
A 1 46  VAL 46  369 369 VAL VAL A . n 
A 1 47  GLY 47  370 370 GLY GLY A . n 
A 1 48  LEU 48  371 371 LEU LEU A . n 
A 1 49  SER 49  372 372 SER SER A . n 
A 1 50  PHE 50  373 373 PHE PHE A . n 
A 1 51  ALA 51  374 374 ALA ALA A . n 
A 1 52  ILE 52  375 375 ILE ILE A . n 
A 1 53  GLU 53  376 376 GLU GLU A . n 
A 1 54  PRO 54  377 377 PRO PRO A . n 
A 1 55  GLY 55  378 378 GLY GLY A . n 
A 1 56  VAL 56  379 379 VAL VAL A . n 
A 1 57  ALA 57  380 380 ALA ALA A . n 
A 1 58  ALA 58  381 381 ALA ALA A . n 
A 1 59  TYR 59  382 382 TYR TYR A . n 
A 1 60  ILE 60  383 383 ILE ILE A . n 
A 1 61  PRO 61  384 384 PRO PRO A . n 
A 1 62  VAL 62  385 385 VAL VAL A . n 
A 1 63  ALA 63  386 386 ALA ALA A . n 
A 1 64  HIS 64  387 387 HIS HIS A . n 
A 1 65  ASP 65  388 388 ASP ASP A . n 
A 1 66  TYR 66  389 389 TYR TYR A . n 
A 1 67  LEU 67  390 390 LEU LEU A . n 
A 1 68  ASP 68  391 391 ASP ASP A . n 
A 1 69  ALA 69  392 392 ALA ALA A . n 
A 1 70  PRO 70  393 393 PRO PRO A . n 
A 1 71  ASP 71  394 394 ASP ASP A . n 
A 1 72  GLN 72  395 395 GLN GLN A . n 
A 1 73  ILE 73  396 396 ILE ILE A . n 
A 1 74  SER 74  397 397 SER SER A . n 
A 1 75  ARG 75  398 398 ARG ARG A . n 
A 1 76  GLU 76  399 399 GLU GLU A . n 
A 1 77  ARG 77  400 400 ARG ARG A . n 
A 1 78  ALA 78  401 401 ALA ALA A . n 
A 1 79  LEU 79  402 402 LEU LEU A . n 
A 1 80  GLU 80  403 403 GLU GLU A . n 
A 1 81  LEU 81  404 404 LEU LEU A . n 
A 1 82  LEU 82  405 405 LEU LEU A . n 
A 1 83  LYS 83  406 406 LYS LYS A . n 
A 1 84  PRO 84  407 407 PRO PRO A . n 
A 1 85  LEU 85  408 408 LEU LEU A . n 
A 1 86  LEU 86  409 409 LEU LEU A . n 
A 1 87  GLU 87  410 410 GLU GLU A . n 
A 1 88  ASP 88  411 411 ASP ASP A . n 
A 1 89  GLU 89  412 412 GLU GLU A . n 
A 1 90  LYS 90  413 413 LYS LYS A . n 
A 1 91  ALA 91  414 414 ALA ALA A . n 
A 1 92  LEU 92  415 415 LEU LEU A . n 
A 1 93  LYS 93  416 416 LYS LYS A . n 
A 1 94  VAL 94  417 417 VAL VAL A . n 
A 1 95  GLY 95  418 418 GLY GLY A . n 
A 1 96  GLN 96  419 419 GLN GLN A . n 
A 1 97  ASN 97  420 420 ASN ASN A . n 
A 1 98  LEU 98  421 421 LEU LEU A . n 
A 1 99  LYS 99  422 422 LYS LYS A . n 
A 1 100 TYR 100 423 423 TYR TYR A . n 
A 1 101 ASP 101 424 424 ASP ASP A . n 
A 1 102 ARG 102 425 425 ARG ARG A . n 
A 1 103 GLY 103 426 426 GLY GLY A . n 
A 1 104 ILE 104 427 427 ILE ILE A . n 
A 1 105 LEU 105 428 428 LEU LEU A . n 
A 1 106 ALA 106 429 429 ALA ALA A . n 
A 1 107 ASN 107 430 430 ASN ASN A . n 
A 1 108 TYR 108 431 431 TYR TYR A . n 
A 1 109 GLY 109 432 432 GLY GLY A . n 
A 1 110 ILE 110 433 433 ILE ILE A . n 
A 1 111 GLU 111 434 434 GLU GLU A . n 
A 1 112 LEU 112 435 435 LEU LEU A . n 
A 1 113 ARG 113 436 436 ARG ARG A . n 
A 1 114 GLY 114 437 437 GLY GLY A . n 
A 1 115 ILE 115 438 438 ILE ILE A . n 
A 1 116 ALA 116 439 439 ALA ALA A . n 
A 1 117 PHE 117 440 440 PHE PHE A . n 
A 1 118 ASP 118 441 441 ASP ASP A . n 
A 1 119 THR 119 442 442 THR THR A . n 
A 1 120 MET 120 443 443 MET MET A . n 
A 1 121 LEU 121 444 444 LEU LEU A . n 
A 1 122 GLU 122 445 445 GLU GLU A . n 
A 1 123 SER 123 446 446 SER SER A . n 
A 1 124 TYR 124 447 447 TYR TYR A . n 
A 1 125 ILE 125 448 448 ILE ILE A . n 
A 1 126 LEU 126 449 449 LEU LEU A . n 
A 1 127 ASN 127 450 450 ASN ASN A . n 
A 1 128 SER 128 451 451 SER SER A . n 
A 1 129 VAL 129 452 452 VAL VAL A . n 
A 1 130 ALA 130 453 453 ALA ALA A . n 
A 1 131 GLY 131 454 454 GLY GLY A . n 
A 1 132 ARG 132 455 455 ARG ARG A . n 
A 1 133 HIS 133 456 456 HIS HIS A . n 
A 1 134 ASP 134 457 457 ASP ASP A . n 
A 1 135 MET 135 458 458 MET MET A . n 
A 1 136 ASP 136 459 459 ASP ASP A . n 
A 1 137 SER 137 460 460 SER SER A . n 
A 1 138 LEU 138 461 461 LEU LEU A . n 
A 1 139 ALA 139 462 462 ALA ALA A . n 
A 1 140 GLU 140 463 463 GLU GLU A . n 
A 1 141 ARG 141 464 464 ARG ARG A . n 
A 1 142 TRP 142 465 465 TRP TRP A . n 
A 1 143 LEU 143 466 466 LEU LEU A . n 
A 1 144 LYS 144 467 467 LYS LYS A . n 
A 1 145 HIS 145 468 468 HIS HIS A . n 
A 1 146 LYS 146 469 469 LYS LYS A . n 
A 1 147 THR 147 470 470 THR THR A . n 
A 1 148 ILE 148 471 471 ILE ILE A . n 
A 1 149 THR 149 472 472 THR THR A . n 
A 1 150 PHE 150 473 473 PHE PHE A . n 
A 1 151 GLU 151 474 474 GLU GLU A . n 
A 1 152 GLU 152 475 475 GLU GLU A . n 
A 1 153 ILE 153 476 476 ILE ILE A . n 
A 1 154 ALA 154 477 477 ALA ALA A . n 
A 1 155 GLY 155 478 478 GLY GLY A . n 
A 1 156 LYS 156 479 479 LYS LYS A . n 
A 1 157 GLY 157 480 480 GLY GLY A . n 
A 1 158 LYS 158 481 481 LYS LYS A . n 
A 1 159 ASN 159 482 482 ASN ASN A . n 
A 1 160 GLN 160 483 483 GLN GLN A . n 
A 1 161 LEU 161 484 484 LEU LEU A . n 
A 1 162 THR 162 485 485 THR THR A . n 
A 1 163 PHE 163 486 486 PHE PHE A . n 
A 1 164 ASN 164 487 487 ASN ASN A . n 
A 1 165 GLN 165 488 488 GLN GLN A . n 
A 1 166 ILE 166 489 489 ILE ILE A . n 
A 1 167 ALA 167 490 490 ALA ALA A . n 
A 1 168 LEU 168 491 491 LEU LEU A . n 
A 1 169 GLU 169 492 492 GLU GLU A . n 
A 1 170 GLU 170 493 493 GLU GLU A . n 
A 1 171 ALA 171 494 494 ALA ALA A . n 
A 1 172 GLY 172 495 495 GLY GLY A . n 
A 1 173 ARG 173 496 496 ARG ARG A . n 
A 1 174 TYR 174 497 497 TYR TYR A . n 
A 1 175 ALA 175 498 498 ALA ALA A . n 
A 1 176 ALA 176 499 499 ALA ALA A . n 
A 1 177 GLU 177 500 500 GLU GLU A . n 
A 1 178 ASP 178 501 501 ASP ASP A . n 
A 1 179 ALA 179 502 502 ALA ALA A . n 
A 1 180 ASP 180 503 503 ASP ASP A . n 
A 1 181 VAL 181 504 504 VAL VAL A . n 
A 1 182 THR 182 505 505 THR THR A . n 
A 1 183 LEU 183 506 506 LEU LEU A . n 
A 1 184 GLN 184 507 507 GLN GLN A . n 
A 1 185 LEU 185 508 508 LEU LEU A . n 
A 1 186 HIS 186 509 509 HIS HIS A . n 
A 1 187 LEU 187 510 510 LEU LEU A . n 
A 1 188 LYS 188 511 511 LYS LYS A . n 
A 1 189 MET 189 512 512 MET MET A . n 
A 1 190 TRP 190 513 513 TRP TRP A . n 
A 1 191 PRO 191 514 514 PRO PRO A . n 
A 1 192 ASP 192 515 515 ASP ASP A . n 
A 1 193 LEU 193 516 516 LEU LEU A . n 
A 1 194 GLN 194 517 517 GLN GLN A . n 
A 1 195 LYS 195 518 518 LYS LYS A . n 
A 1 196 HIS 196 519 519 HIS HIS A . n 
A 1 197 LYS 197 520 520 LYS LYS A . n 
A 1 198 GLY 198 521 521 GLY GLY A . n 
A 1 199 PRO 199 522 522 PRO PRO A . n 
A 1 200 LEU 200 523 523 LEU LEU A . n 
A 1 201 ASN 201 524 524 ASN ASN A . n 
A 1 202 VAL 202 525 525 VAL VAL A . n 
A 1 203 PHE 203 526 526 PHE PHE A . n 
A 1 204 GLU 204 527 527 GLU GLU A . n 
A 1 205 ASN 205 528 528 ASN ASN A . n 
A 1 206 ILE 206 529 529 ILE ILE A . n 
A 1 207 GLU 207 530 530 GLU GLU A . n 
A 1 208 MET 208 531 531 MET MET A . n 
A 1 209 PRO 209 532 532 PRO PRO A . n 
A 1 210 LEU 210 533 533 LEU LEU A . n 
A 1 211 VAL 211 534 534 VAL VAL A . n 
A 1 212 PRO 212 535 535 PRO PRO A . n 
A 1 213 VAL 213 536 536 VAL VAL A . n 
A 1 214 LEU 214 537 537 LEU LEU A . n 
A 1 215 SER 215 538 538 SER SER A . n 
A 1 216 ARG 216 539 539 ARG ARG A . n 
A 1 217 ILE 217 540 540 ILE ILE A . n 
A 1 218 GLU 218 541 541 GLU GLU A . n 
A 1 219 ARG 219 542 542 ARG ARG A . n 
A 1 220 ASN 220 543 543 ASN ASN A . n 
A 1 221 GLY 221 544 544 GLY GLY A . n 
A 1 222 VAL 222 545 545 VAL VAL A . n 
A 1 223 LYS 223 546 546 LYS LYS A . n 
A 1 224 ILE 224 547 547 ILE ILE A . n 
A 1 225 ASP 225 548 548 ASP ASP A . n 
A 1 226 PRO 226 549 549 PRO PRO A . n 
A 1 227 LYS 227 550 550 LYS LYS A . n 
A 1 228 VAL 228 551 551 VAL VAL A . n 
A 1 229 LEU 229 552 552 LEU LEU A . n 
A 1 230 HIS 230 553 553 HIS HIS A . n 
A 1 231 ASN 231 554 554 ASN ASN A . n 
A 1 232 HIS 232 555 555 HIS HIS A . n 
A 1 233 SER 233 556 556 SER SER A . n 
A 1 234 GLU 234 557 557 GLU GLU A . n 
A 1 235 GLU 235 558 558 GLU GLU A . n 
A 1 236 LEU 236 559 559 LEU LEU A . n 
A 1 237 THR 237 560 560 THR THR A . n 
A 1 238 LEU 238 561 561 LEU LEU A . n 
A 1 239 ARG 239 562 562 ARG ARG A . n 
A 1 240 LEU 240 563 563 LEU LEU A . n 
A 1 241 ALA 241 564 564 ALA ALA A . n 
A 1 242 GLU 242 565 565 GLU GLU A . n 
A 1 243 LEU 243 566 566 LEU LEU A . n 
A 1 244 GLU 244 567 567 GLU GLU A . n 
A 1 245 LYS 245 568 568 LYS LYS A . n 
A 1 246 LYS 246 569 569 LYS LYS A . n 
A 1 247 ALA 247 570 570 ALA ALA A . n 
A 1 248 HIS 248 571 571 HIS HIS A . n 
A 1 249 GLU 249 572 572 GLU GLU A . n 
A 1 250 ILE 250 573 573 ILE ILE A . n 
A 1 251 ALA 251 574 ?   ?   ?   A . n 
A 1 252 GLY 252 575 ?   ?   ?   A . n 
A 1 253 GLU 253 576 ?   ?   ?   A . n 
A 1 254 GLU 254 577 ?   ?   ?   A . n 
A 1 255 PHE 255 578 ?   ?   ?   A . n 
A 1 256 ASN 256 579 ?   ?   ?   A . n 
A 1 257 LEU 257 580 ?   ?   ?   A . n 
A 1 258 SER 258 581 ?   ?   ?   A . n 
A 1 259 SER 259 582 ?   ?   ?   A . n 
A 1 260 THR 260 583 ?   ?   ?   A . n 
A 1 261 LYS 261 584 ?   ?   ?   A . n 
A 1 262 GLN 262 585 ?   ?   ?   A . n 
A 1 263 LEU 263 586 ?   ?   ?   A . n 
A 1 264 GLN 264 587 ?   ?   ?   A . n 
A 1 265 THR 265 588 ?   ?   ?   A . n 
A 1 266 ILE 266 589 ?   ?   ?   A . n 
A 1 267 LEU 267 590 ?   ?   ?   A . n 
A 1 268 PHE 268 591 ?   ?   ?   A . n 
A 1 269 GLU 269 592 ?   ?   ?   A . n 
A 1 270 LYS 270 593 ?   ?   ?   A . n 
A 1 271 GLN 271 594 ?   ?   ?   A . n 
A 1 272 GLY 272 595 ?   ?   ?   A . n 
A 1 273 ILE 273 596 ?   ?   ?   A . n 
A 1 274 LYS 274 597 ?   ?   ?   A . n 
A 1 275 PRO 275 598 ?   ?   ?   A . n 
A 1 276 LEU 276 599 ?   ?   ?   A . n 
A 1 277 LYS 277 600 ?   ?   ?   A . n 
A 1 278 LYS 278 601 ?   ?   ?   A . n 
A 1 279 THR 279 602 ?   ?   ?   A . n 
A 1 280 PRO 280 603 ?   ?   ?   A . n 
A 1 281 GLY 281 604 ?   ?   ?   A . n 
A 1 282 GLY 282 605 ?   ?   ?   A . n 
A 1 283 ALA 283 606 ?   ?   ?   A . n 
A 1 284 PRO 284 607 ?   ?   ?   A . n 
A 1 285 SER 285 608 ?   ?   ?   A . n 
A 1 286 THR 286 609 ?   ?   ?   A . n 
A 1 287 SER 287 610 ?   ?   ?   A . n 
A 1 288 GLU 288 611 ?   ?   ?   A . n 
A 1 289 GLU 289 612 ?   ?   ?   A . n 
A 1 290 VAL 290 613 ?   ?   ?   A . n 
A 1 291 LEU 291 614 ?   ?   ?   A . n 
A 1 292 GLU 292 615 ?   ?   ?   A . n 
A 1 293 GLU 293 616 ?   ?   ?   A . n 
A 1 294 LEU 294 617 ?   ?   ?   A . n 
A 1 295 ALA 295 618 ?   ?   ?   A . n 
A 1 296 LEU 296 619 ?   ?   ?   A . n 
A 1 297 ASP 297 620 ?   ?   ?   A . n 
A 1 298 TYR 298 621 ?   ?   ?   A . n 
A 1 299 PRO 299 622 ?   ?   ?   A . n 
A 1 300 LEU 300 623 623 LEU LEU A . n 
A 1 301 PRO 301 624 624 PRO PRO A . n 
A 1 302 LYS 302 625 625 LYS LYS A . n 
A 1 303 VAL 303 626 626 VAL VAL A . n 
A 1 304 ILE 304 627 627 ILE ILE A . n 
A 1 305 LEU 305 628 628 LEU LEU A . n 
A 1 306 GLU 306 629 629 GLU GLU A . n 
A 1 307 TYR 307 630 630 TYR TYR A . n 
A 1 308 ARG 308 631 631 ARG ARG A . n 
A 1 309 GLY 309 632 632 GLY GLY A . n 
A 1 310 LEU 310 633 633 LEU LEU A . n 
A 1 311 ALA 311 634 634 ALA ALA A . n 
A 1 312 LYS 312 635 635 LYS LYS A . n 
A 1 313 LEU 313 636 636 LEU LEU A . n 
A 1 314 LYS 314 637 637 LYS LYS A . n 
A 1 315 SER 315 638 638 SER SER A . n 
A 1 316 THR 316 639 639 THR THR A . n 
A 1 317 TYR 317 640 640 TYR TYR A . n 
A 1 318 THR 318 641 641 THR THR A . n 
A 1 319 ASP 319 642 642 ASP ASP A . n 
A 1 320 LYS 320 643 643 LYS LYS A . n 
A 1 321 LEU 321 644 644 LEU LEU A . n 
A 1 322 PRO 322 645 645 PRO PRO A . n 
A 1 323 LEU 323 646 646 LEU LEU A . n 
A 1 324 MET 324 647 647 MET MET A . n 
A 1 325 ILE 325 648 648 ILE ILE A . n 
A 1 326 ASN 326 649 649 ASN ASN A . n 
A 1 327 PRO 327 650 650 PRO PRO A . n 
A 1 328 LYS 328 651 651 LYS LYS A . n 
A 1 329 THR 329 652 652 THR THR A . n 
A 1 330 GLY 330 653 653 GLY GLY A . n 
A 1 331 ARG 331 654 654 ARG ARG A . n 
A 1 332 VAL 332 655 655 VAL VAL A . n 
A 1 333 HIS 333 656 656 HIS HIS A . n 
A 1 334 THR 334 657 657 THR THR A . n 
A 1 335 SER 335 658 658 SER SER A . n 
A 1 336 TYR 336 659 659 TYR TYR A . n 
A 1 337 HIS 337 660 660 HIS HIS A . n 
A 1 338 GLN 338 661 661 GLN GLN A . n 
A 1 339 ALA 339 662 662 ALA ALA A . n 
A 1 340 VAL 340 663 663 VAL VAL A . n 
A 1 341 THR 341 664 664 THR THR A . n 
A 1 342 ALA 342 665 665 ALA ALA A . n 
A 1 343 THR 343 666 666 THR THR A . n 
A 1 344 GLY 344 667 667 GLY GLY A . n 
A 1 345 ARG 345 668 668 ARG ARG A . n 
A 1 346 LEU 346 669 669 LEU LEU A . n 
A 1 347 SER 347 670 670 SER SER A . n 
A 1 348 SER 348 671 671 SER SER A . n 
A 1 349 THR 349 672 672 THR THR A . n 
A 1 350 ASP 350 673 673 ASP ASP A . n 
A 1 351 PRO 351 674 674 PRO PRO A . n 
A 1 352 ASN 352 675 675 ASN ASN A . n 
A 1 353 LEU 353 676 676 LEU LEU A . n 
A 1 354 GLN 354 677 677 GLN GLN A . n 
A 1 355 ASN 355 678 678 ASN ASN A . n 
A 1 356 ILE 356 679 679 ILE ILE A . n 
A 1 357 PRO 357 680 680 PRO PRO A . n 
A 1 358 VAL 358 681 681 VAL VAL A . n 
A 1 359 ARG 359 682 682 ARG ARG A . n 
A 1 360 ASN 360 683 683 ASN ASN A . n 
A 1 361 GLU 361 684 684 GLU GLU A . n 
A 1 362 GLU 362 685 685 GLU GLU A . n 
A 1 363 GLY 363 686 686 GLY GLY A . n 
A 1 364 ARG 364 687 687 ARG ARG A . n 
A 1 365 ARG 365 688 688 ARG ARG A . n 
A 1 366 ILE 366 689 689 ILE ILE A . n 
A 1 367 ARG 367 690 690 ARG ARG A . n 
A 1 368 GLN 368 691 691 GLN GLN A . n 
A 1 369 ALA 369 692 692 ALA ALA A . n 
A 1 370 PHE 370 693 693 PHE PHE A . n 
A 1 371 ILE 371 694 694 ILE ILE A . n 
A 1 372 ALA 372 695 695 ALA ALA A . n 
A 1 373 PRO 373 696 696 PRO PRO A . n 
A 1 374 GLU 374 697 697 GLU GLU A . n 
A 1 375 ASP 375 698 698 ASP ASP A . n 
A 1 376 TYR 376 699 699 TYR TYR A . n 
A 1 377 VAL 377 700 700 VAL VAL A . n 
A 1 378 ILE 378 701 701 ILE ILE A . n 
A 1 379 VAL 379 702 702 VAL VAL A . n 
A 1 380 SER 380 703 703 SER SER A . n 
A 1 381 ALA 381 704 704 ALA ALA A . n 
A 1 382 ASP 382 705 705 ASP ASP A . n 
A 1 383 TYR 383 706 706 TYR TYR A . n 
A 1 384 SER 384 707 707 SER SER A . n 
A 1 385 GLN 385 708 708 GLN GLN A . n 
A 1 386 ILE 386 709 709 ILE ILE A . n 
A 1 387 GLU 387 710 710 GLU GLU A . n 
A 1 388 LEU 388 711 711 LEU LEU A . n 
A 1 389 ARG 389 712 712 ARG ARG A . n 
A 1 390 ILE 390 713 713 ILE ILE A . n 
A 1 391 MET 391 714 714 MET MET A . n 
A 1 392 ALA 392 715 715 ALA ALA A . n 
A 1 393 HIS 393 716 716 HIS HIS A . n 
A 1 394 LEU 394 717 717 LEU LEU A . n 
A 1 395 SER 395 718 718 SER SER A . n 
A 1 396 ARG 396 719 719 ARG ARG A . n 
A 1 397 ASP 397 720 720 ASP ASP A . n 
A 1 398 LYS 398 721 721 LYS LYS A . n 
A 1 399 GLY 399 722 722 GLY GLY A . n 
A 1 400 LEU 400 723 723 LEU LEU A . n 
A 1 401 LEU 401 724 724 LEU LEU A . n 
A 1 402 THR 402 725 725 THR THR A . n 
A 1 403 ALA 403 726 726 ALA ALA A . n 
A 1 404 PHE 404 727 727 PHE PHE A . n 
A 1 405 ALA 405 728 728 ALA ALA A . n 
A 1 406 GLU 406 729 729 GLU GLU A . n 
A 1 407 GLY 407 730 730 GLY GLY A . n 
A 1 408 LYS 408 731 731 LYS LYS A . n 
A 1 409 ASP 409 732 732 ASP ASP A . n 
A 1 410 ILE 410 733 733 ILE ILE A . n 
A 1 411 HIS 411 734 734 HIS HIS A . n 
A 1 412 ARG 412 735 735 ARG ARG A . n 
A 1 413 ALA 413 736 736 ALA ALA A . n 
A 1 414 THR 414 737 737 THR THR A . n 
A 1 415 ALA 415 738 738 ALA ALA A . n 
A 1 416 ALA 416 739 739 ALA ALA A . n 
A 1 417 GLU 417 740 740 GLU GLU A . n 
A 1 418 VAL 418 741 741 VAL VAL A . n 
A 1 419 PHE 419 742 742 PHE PHE A . n 
A 1 420 GLY 420 743 743 GLY GLY A . n 
A 1 421 LEU 421 744 744 LEU LEU A . n 
A 1 422 PRO 422 745 745 PRO PRO A . n 
A 1 423 LEU 423 746 746 LEU LEU A . n 
A 1 424 GLU 424 747 747 GLU GLU A . n 
A 1 425 THR 425 748 748 THR THR A . n 
A 1 426 VAL 426 749 749 VAL VAL A . n 
A 1 427 THR 427 750 750 THR THR A . n 
A 1 428 SER 428 751 751 SER SER A . n 
A 1 429 GLU 429 752 752 GLU GLU A . n 
A 1 430 GLN 430 753 753 GLN GLN A . n 
A 1 431 ARG 431 754 754 ARG ARG A . n 
A 1 432 ARG 432 755 755 ARG ARG A . n 
A 1 433 SER 433 756 756 SER SER A . n 
A 1 434 ALA 434 757 757 ALA ALA A . n 
A 1 435 LYS 435 758 758 LYS LYS A . n 
A 1 436 ALA 436 759 759 ALA ALA A . n 
A 1 437 ILE 437 760 760 ILE ILE A . n 
A 1 438 ASN 438 761 761 ASN ASN A . n 
A 1 439 PHE 439 762 762 PHE PHE A . n 
A 1 440 GLY 440 763 763 GLY GLY A . n 
A 1 441 LEU 441 764 764 LEU LEU A . n 
A 1 442 ILE 442 765 765 ILE ILE A . n 
A 1 443 TYR 443 766 766 TYR TYR A . n 
A 1 444 GLY 444 767 767 GLY GLY A . n 
A 1 445 MET 445 768 768 MET MET A . n 
A 1 446 SER 446 769 769 SER SER A . n 
A 1 447 ALA 447 770 770 ALA ALA A . n 
A 1 448 PHE 448 771 771 PHE PHE A . n 
A 1 449 GLY 449 772 772 GLY GLY A . n 
A 1 450 LEU 450 773 773 LEU LEU A . n 
A 1 451 ALA 451 774 774 ALA ALA A . n 
A 1 452 ARG 452 775 775 ARG ARG A . n 
A 1 453 GLN 453 776 776 GLN GLN A . n 
A 1 454 LEU 454 777 777 LEU LEU A . n 
A 1 455 ASN 455 778 778 ASN ASN A . n 
A 1 456 ILE 456 779 779 ILE ILE A . n 
A 1 457 PRO 457 780 ?   ?   ?   A . n 
A 1 458 ARG 458 781 ?   ?   ?   A . n 
A 1 459 LYS 459 782 ?   ?   ?   A . n 
A 1 460 GLU 460 783 ?   ?   ?   A . n 
A 1 461 ALA 461 784 ?   ?   ?   A . n 
A 1 462 GLN 462 785 ?   ?   ?   A . n 
A 1 463 LYS 463 786 ?   ?   ?   A . n 
A 1 464 TYR 464 787 ?   ?   ?   A . n 
A 1 465 MET 465 788 788 MET MET A . n 
A 1 466 ASP 466 789 789 ASP ASP A . n 
A 1 467 LEU 467 790 790 LEU LEU A . n 
A 1 468 TYR 468 791 791 TYR TYR A . n 
A 1 469 PHE 469 792 792 PHE PHE A . n 
A 1 470 GLU 470 793 793 GLU GLU A . n 
A 1 471 ARG 471 794 794 ARG ARG A . n 
A 1 472 TYR 472 795 795 TYR TYR A . n 
A 1 473 PRO 473 796 796 PRO PRO A . n 
A 1 474 GLY 474 797 797 GLY GLY A . n 
A 1 475 VAL 475 798 798 VAL VAL A . n 
A 1 476 LEU 476 799 799 LEU LEU A . n 
A 1 477 GLU 477 800 800 GLU GLU A . n 
A 1 478 TYR 478 801 801 TYR TYR A . n 
A 1 479 MET 479 802 802 MET MET A . n 
A 1 480 GLU 480 803 803 GLU GLU A . n 
A 1 481 ARG 481 804 804 ARG ARG A . n 
A 1 482 THR 482 805 805 THR THR A . n 
A 1 483 ARG 483 806 806 ARG ARG A . n 
A 1 484 ALA 484 807 807 ALA ALA A . n 
A 1 485 GLN 485 808 808 GLN GLN A . n 
A 1 486 ALA 486 809 809 ALA ALA A . n 
A 1 487 LYS 487 810 810 LYS LYS A . n 
A 1 488 GLU 488 811 811 GLU GLU A . n 
A 1 489 GLN 489 812 812 GLN GLN A . n 
A 1 490 GLY 490 813 813 GLY GLY A . n 
A 1 491 TYR 491 814 814 TYR TYR A . n 
A 1 492 VAL 492 815 815 VAL VAL A . n 
A 1 493 GLU 493 816 816 GLU GLU A . n 
A 1 494 THR 494 817 817 THR THR A . n 
A 1 495 LEU 495 818 818 LEU LEU A . n 
A 1 496 ASP 496 819 819 ASP ASP A . n 
A 1 497 GLY 497 820 820 GLY GLY A . n 
A 1 498 ARG 498 821 821 ARG ARG A . n 
A 1 499 ARG 499 822 822 ARG ARG A . n 
A 1 500 LEU 500 823 823 LEU LEU A . n 
A 1 501 TYR 501 824 824 TYR TYR A . n 
A 1 502 LEU 502 825 825 LEU LEU A . n 
A 1 503 PRO 503 826 826 PRO PRO A . n 
A 1 504 ASP 504 827 827 ASP ASP A . n 
A 1 505 ILE 505 828 828 ILE ILE A . n 
A 1 506 LYS 506 829 829 LYS LYS A . n 
A 1 507 SER 507 830 830 SER SER A . n 
A 1 508 SER 508 831 831 SER SER A . n 
A 1 509 ASN 509 832 832 ASN ASN A . n 
A 1 510 GLY 510 833 833 GLY GLY A . n 
A 1 511 ALA 511 834 834 ALA ALA A . n 
A 1 512 ARG 512 835 835 ARG ARG A . n 
A 1 513 ARG 513 836 836 ARG ARG A . n 
A 1 514 ALA 514 837 837 ALA ALA A . n 
A 1 515 ALA 515 838 838 ALA ALA A . n 
A 1 516 ALA 516 839 839 ALA ALA A . n 
A 1 517 GLU 517 840 840 GLU GLU A . n 
A 1 518 ARG 518 841 841 ARG ARG A . n 
A 1 519 ALA 519 842 842 ALA ALA A . n 
A 1 520 ALA 520 843 843 ALA ALA A . n 
A 1 521 ILE 521 844 844 ILE ILE A . n 
A 1 522 ASN 522 845 845 ASN ASN A . n 
A 1 523 ALA 523 846 846 ALA ALA A . n 
A 1 524 PRO 524 847 847 PRO PRO A . n 
A 1 525 MET 525 848 848 MET MET A . n 
A 1 526 GLN 526 849 849 GLN GLN A . n 
A 1 527 GLY 527 850 850 GLY GLY A . n 
A 1 528 THR 528 851 851 THR THR A . n 
A 1 529 ALA 529 852 852 ALA ALA A . n 
A 1 530 ALA 530 853 853 ALA ALA A . n 
A 1 531 ASP 531 854 854 ASP ASP A . n 
A 1 532 ILE 532 855 855 ILE ILE A . n 
A 1 533 ILE 533 856 856 ILE ILE A . n 
A 1 534 LYS 534 857 857 LYS LYS A . n 
A 1 535 ARG 535 858 858 ARG ARG A . n 
A 1 536 ALA 536 859 859 ALA ALA A . n 
A 1 537 MET 537 860 860 MET MET A . n 
A 1 538 ILE 538 861 861 ILE ILE A . n 
A 1 539 ALA 539 862 862 ALA ALA A . n 
A 1 540 VAL 540 863 863 VAL VAL A . n 
A 1 541 ASP 541 864 864 ASP ASP A . n 
A 1 542 ALA 542 865 865 ALA ALA A . n 
A 1 543 TRP 543 866 866 TRP TRP A . n 
A 1 544 LEU 544 867 867 LEU LEU A . n 
A 1 545 GLN 545 868 868 GLN GLN A . n 
A 1 546 ALA 546 869 869 ALA ALA A . n 
A 1 547 GLU 547 870 870 GLU GLU A . n 
A 1 548 GLN 548 871 871 GLN GLN A . n 
A 1 549 PRO 549 872 872 PRO PRO A . n 
A 1 550 ARG 550 873 873 ARG ARG A . n 
A 1 551 VAL 551 874 874 VAL VAL A . n 
A 1 552 ARG 552 875 875 ARG ARG A . n 
A 1 553 MET 553 876 876 MET MET A . n 
A 1 554 ILE 554 877 877 ILE ILE A . n 
A 1 555 MET 555 878 878 MET MET A . n 
A 1 556 GLN 556 879 879 GLN GLN A . n 
A 1 557 VAL 557 880 880 VAL VAL A . n 
A 1 558 HIS 558 881 881 HIS HIS A . n 
A 1 559 ASP 559 882 882 ASP ASP A . n 
A 1 560 GLU 560 883 883 GLU GLU A . n 
A 1 561 LEU 561 884 884 LEU LEU A . n 
A 1 562 VAL 562 885 885 VAL VAL A . n 
A 1 563 PHE 563 886 886 PHE PHE A . n 
A 1 564 GLU 564 887 887 GLU GLU A . n 
A 1 565 VAL 565 888 888 VAL VAL A . n 
A 1 566 HIS 566 889 889 HIS HIS A . n 
A 1 567 LYS 567 890 890 LYS LYS A . n 
A 1 568 ASP 568 891 891 ASP ASP A . n 
A 1 569 ASP 569 892 892 ASP ASP A . n 
A 1 570 VAL 570 893 893 VAL VAL A . n 
A 1 571 ASP 571 894 894 ASP ASP A . n 
A 1 572 ALA 572 895 895 ALA ALA A . n 
A 1 573 VAL 573 896 896 VAL VAL A . n 
A 1 574 ALA 574 897 897 ALA ALA A . n 
A 1 575 LYS 575 898 898 LYS LYS A . n 
A 1 576 GLN 576 899 899 GLN GLN A . n 
A 1 577 ILE 577 900 900 ILE ILE A . n 
A 1 578 HIS 578 901 901 HIS HIS A . n 
A 1 579 GLN 579 902 902 GLN GLN A . n 
A 1 580 LEU 580 903 903 LEU LEU A . n 
A 1 581 MET 581 904 904 MET MET A . n 
A 1 582 GLU 582 905 905 GLU GLU A . n 
A 1 583 ASN 583 906 906 ASN ASN A . n 
A 1 584 CYS 584 907 907 CYS CYS A . n 
A 1 585 THR 585 908 908 THR THR A . n 
A 1 586 ARG 586 909 909 ARG ARG A . n 
A 1 587 LEU 587 910 910 LEU LEU A . n 
A 1 588 ASP 588 911 911 ASP ASP A . n 
A 1 589 VAL 589 912 912 VAL VAL A . n 
A 1 590 PRO 590 913 913 PRO PRO A . n 
A 1 591 LEU 591 914 914 LEU LEU A . n 
A 1 592 LEU 592 915 915 LEU LEU A . n 
A 1 593 VAL 593 916 916 VAL VAL A . n 
A 1 594 GLU 594 917 917 GLU GLU A . n 
A 1 595 VAL 595 918 918 VAL VAL A . n 
A 1 596 GLY 596 919 919 GLY GLY A . n 
A 1 597 SER 597 920 920 SER SER A . n 
A 1 598 GLY 598 921 921 GLY GLY A . n 
A 1 599 GLU 599 922 922 GLU GLU A . n 
A 1 600 ASN 600 923 923 ASN ASN A . n 
A 1 601 TRP 601 924 924 TRP TRP A . n 
A 1 602 ASP 602 925 925 ASP ASP A . n 
A 1 603 GLN 603 926 926 GLN GLN A . n 
A 1 604 ALA 604 927 927 ALA ALA A . n 
A 1 605 HIS 605 928 928 HIS HIS A . n 
# 
_pdbx_nonpoly_scheme.asym_id         B 
_pdbx_nonpoly_scheme.entity_id       2 
_pdbx_nonpoly_scheme.mon_id          ZN 
_pdbx_nonpoly_scheme.ndb_seq_num     1 
_pdbx_nonpoly_scheme.pdb_seq_num     1 
_pdbx_nonpoly_scheme.auth_seq_num    1 
_pdbx_nonpoly_scheme.pdb_mon_id      ZN 
_pdbx_nonpoly_scheme.auth_mon_id     ZN 
_pdbx_nonpoly_scheme.pdb_strand_id   A 
_pdbx_nonpoly_scheme.pdb_ins_code    . 
# 
_software.name             PROLSQ 
_software.classification   refinement 
_software.version          . 
_software.citation_id      ? 
_software.pdbx_ordinal     1 
# 
_cell.entry_id           1DPI 
_cell.length_a           102.900 
_cell.length_b           102.900 
_cell.length_c           85.800 
_cell.angle_alpha        90.00 
_cell.angle_beta         90.00 
_cell.angle_gamma        90.00 
_cell.Z_PDB              4 
_cell.pdbx_unique_axis   ? 
# 
_symmetry.entry_id                         1DPI 
_symmetry.space_group_name_H-M             'P 43' 
_symmetry.pdbx_full_space_group_name_H-M   ? 
_symmetry.cell_setting                     ? 
_symmetry.Int_Tables_number                78 
# 
_exptl.entry_id          1DPI 
_exptl.method            'X-RAY DIFFRACTION' 
_exptl.crystals_number   ? 
# 
_exptl_crystal.id                    1 
_exptl_crystal.density_meas          ? 
_exptl_crystal.density_Matthews      3.33 
_exptl_crystal.density_percent_sol   63.07 
_exptl_crystal.description           ? 
# 
_diffrn.id                     1 
_diffrn.crystal_id             1 
_diffrn.ambient_temp           ? 
_diffrn.ambient_temp_details   ? 
# 
_refine.entry_id                                 1DPI 
_refine.ls_number_reflns_obs                     ? 
_refine.ls_number_reflns_all                     ? 
_refine.pdbx_ls_sigma_I                          ? 
_refine.pdbx_ls_sigma_F                          ? 
_refine.pdbx_data_cutoff_high_absF               ? 
_refine.pdbx_data_cutoff_low_absF                ? 
_refine.pdbx_data_cutoff_high_rms_absF           ? 
_refine.ls_d_res_low                             ? 
_refine.ls_d_res_high                            2.8 
_refine.ls_percent_reflns_obs                    ? 
_refine.ls_R_factor_obs                          0.2000000 
_refine.ls_R_factor_all                          ? 
_refine.ls_R_factor_R_work                       ? 
_refine.ls_R_factor_R_free                       ? 
_refine.ls_R_factor_R_free_error                 ? 
_refine.ls_R_factor_R_free_error_details         ? 
_refine.ls_percent_reflns_R_free                 ? 
_refine.ls_number_reflns_R_free                  ? 
_refine.ls_number_parameters                     ? 
_refine.ls_number_restraints                     ? 
_refine.occupancy_min                            ? 
_refine.occupancy_max                            ? 
_refine.B_iso_mean                               ? 
_refine.aniso_B[1][1]                            ? 
_refine.aniso_B[2][2]                            ? 
_refine.aniso_B[3][3]                            ? 
_refine.aniso_B[1][2]                            ? 
_refine.aniso_B[1][3]                            ? 
_refine.aniso_B[2][3]                            ? 
_refine.solvent_model_details                    ? 
_refine.solvent_model_param_ksol                 ? 
_refine.solvent_model_param_bsol                 ? 
_refine.pdbx_ls_cross_valid_method               ? 
_refine.details                                  ? 
_refine.pdbx_starting_model                      ? 
_refine.pdbx_method_to_determine_struct          ? 
_refine.pdbx_isotropic_thermal_model             ? 
_refine.pdbx_stereochemistry_target_values       ? 
_refine.pdbx_stereochem_target_val_spec_case     ? 
_refine.pdbx_R_Free_selection_details            ? 
_refine.pdbx_overall_ESU_R                       ? 
_refine.pdbx_overall_ESU_R_Free                  ? 
_refine.overall_SU_ML                            ? 
_refine.overall_SU_B                             ? 
_refine.pdbx_refine_id                           'X-RAY DIFFRACTION' 
_refine.pdbx_diffrn_id                           1 
_refine.pdbx_TLS_residual_ADP_flag               ? 
_refine.correlation_coeff_Fo_to_Fc               ? 
_refine.correlation_coeff_Fo_to_Fc_free          ? 
_refine.pdbx_solvent_vdw_probe_radii             ? 
_refine.pdbx_solvent_ion_probe_radii             ? 
_refine.pdbx_solvent_shrinkage_radii             ? 
_refine.pdbx_overall_phase_error                 ? 
_refine.overall_SU_R_Cruickshank_DPI             ? 
_refine.pdbx_overall_SU_R_free_Cruickshank_DPI   ? 
_refine.pdbx_overall_SU_R_Blow_DPI               ? 
_refine.pdbx_overall_SU_R_free_Blow_DPI          ? 
# 
_refine_hist.pdbx_refine_id                   'X-RAY DIFFRACTION' 
_refine_hist.cycle_id                         LAST 
_refine_hist.pdbx_number_atoms_protein        546 
_refine_hist.pdbx_number_atoms_nucleic_acid   0 
_refine_hist.pdbx_number_atoms_ligand         1 
_refine_hist.number_atoms_solvent             0 
_refine_hist.number_atoms_total               547 
_refine_hist.d_res_high                       2.8 
_refine_hist.d_res_low                        . 
# 
_struct.entry_id                  1DPI 
_struct.title                     'STRUCTURE OF LARGE FRAGMENT OF ESCHERICHIA COLI DNA POLYMERASE I COMPLEXED WITH D/TMP' 
_struct.pdbx_model_details        ? 
_struct.pdbx_CASP_flag            ? 
_struct.pdbx_model_type_details   ? 
# 
_struct_keywords.entry_id        1DPI 
_struct_keywords.pdbx_keywords   NUCLEOTIDYLTRANSFERASE 
_struct_keywords.text            NUCLEOTIDYLTRANSFERASE 
# 
loop_
_struct_asym.id 
_struct_asym.pdbx_blank_PDB_chainid_flag 
_struct_asym.pdbx_modified 
_struct_asym.entity_id 
_struct_asym.details 
A N N 1 ? 
B N N 2 ? 
# 
_struct_ref.id                         1 
_struct_ref.db_name                    UNP 
_struct_ref.db_code                    DPO1_ECOLI 
_struct_ref.entity_id                  1 
_struct_ref.pdbx_db_accession          P00582 
_struct_ref.pdbx_align_begin           1 
_struct_ref.pdbx_seq_one_letter_code   
;MVQIPQNPLILVDGSSYLYRAYHAFPPLTNSAGEPTGAMYGVLNMLRSLIMQYKPTHAAVVFDAKGKTFRDELFEHYKSH
RPPMPDDLRAQIEPLHAMVKAMGLPLLAVSGVEADDVIGTLAREAEKAGRPVLISTGDKDMAQLVTPNITLINTMTNTIL
GPEEVVNKYGVPPELIIDFLALMGDSSDNIPGVPGVGEKTAQALLQGLGGLDTLYAEPEKIAGLSFRGAKTMAAKLEQNK
EVAYLSYQLATIKTDVELELTCEQLEVQQPAAEELLGLFKKYEFKRWTADVEAGKWLQAKGAKPAAKPQETSVADEAPEV
TATVISYDNYVTILDEETLKAWIAKLEKAPVFAFDTETDSLDNISANLVGLSFAIEPGVAAYIPVAHDYLDAPDQISRER
ALELLKPLLEDEKALKVGQNLKYDRGILANYGIELRGIAFDTMLESYILNSVAGRHDMDSLAERWLKHKTITFEEIAGKG
KNQLTFNQIALEEAGRYAAEDADVTLQLHLKMWPDLQKHKGPLNVFENIEMPLVPVLSRIERNGVKIDPKVLHNHSEELT
LRLAELEKKAHEIAGEEFNLSSTKQLQTILFEKQGIKPLKKTPGGAPSTSEEVLEELALDYPLPKVILEYRGLAKLKSTY
TDKLPLMINPKTGRVHTSYHQAVTATGRLSSTDPNLQNIPVRNEEGRRIRQAFIAPEDYVIVSADYSQIELRIMAHLSRD
KGLLTAFAEGKDIHRATAAEVFGLPLETVTSEQRRSAKAINFGLIYGMSAFGLARQLNIPRKEAQKYMDLYFERYPGVLE
YMERTRAQAKEQGYVETLDGRRLYLPDIKSSNGARRAAAERAAINAPMQGTAADIIKRAMIAVDAWLQAEQPRVRMIMQV
HDELVFEVHKDDVDAVAKQIHQLMENCTRLDVPLLVEVGSGENWDQAH
;
_struct_ref.pdbx_db_isoform            ? 
# 
_struct_ref_seq.align_id                      1 
_struct_ref_seq.ref_id                        1 
_struct_ref_seq.pdbx_PDB_id_code              1DPI 
_struct_ref_seq.pdbx_strand_id                A 
_struct_ref_seq.seq_align_beg                 1 
_struct_ref_seq.pdbx_seq_align_beg_ins_code   ? 
_struct_ref_seq.seq_align_end                 605 
_struct_ref_seq.pdbx_seq_align_end_ins_code   ? 
_struct_ref_seq.pdbx_db_accession             P00582 
_struct_ref_seq.db_align_beg                  324 
_struct_ref_seq.pdbx_db_align_beg_ins_code    ? 
_struct_ref_seq.db_align_end                  928 
_struct_ref_seq.pdbx_db_align_end_ins_code    ? 
_struct_ref_seq.pdbx_auth_seq_align_beg       324 
_struct_ref_seq.pdbx_auth_seq_align_end       928 
# 
_pdbx_struct_assembly.id                   1 
_pdbx_struct_assembly.details              author_defined_assembly 
_pdbx_struct_assembly.method_details       ? 
_pdbx_struct_assembly.oligomeric_details   monomeric 
_pdbx_struct_assembly.oligomeric_count     1 
# 
_pdbx_struct_assembly_gen.assembly_id       1 
_pdbx_struct_assembly_gen.oper_expression   1 
_pdbx_struct_assembly_gen.asym_id_list      A,B 
# 
_pdbx_struct_oper_list.id                   1 
_pdbx_struct_oper_list.type                 'identity operation' 
_pdbx_struct_oper_list.name                 1_555 
_pdbx_struct_oper_list.symmetry_operation   x,y,z 
_pdbx_struct_oper_list.matrix[1][1]         1.0000000000 
_pdbx_struct_oper_list.matrix[1][2]         0.0000000000 
_pdbx_struct_oper_list.matrix[1][3]         0.0000000000 
_pdbx_struct_oper_list.vector[1]            0.0000000000 
_pdbx_struct_oper_list.matrix[2][1]         0.0000000000 
_pdbx_struct_oper_list.matrix[2][2]         1.0000000000 
_pdbx_struct_oper_list.matrix[2][3]         0.0000000000 
_pdbx_struct_oper_list.vector[2]            0.0000000000 
_pdbx_struct_oper_list.matrix[3][1]         0.0000000000 
_pdbx_struct_oper_list.matrix[3][2]         0.0000000000 
_pdbx_struct_oper_list.matrix[3][3]         1.0000000000 
_pdbx_struct_oper_list.vector[3]            0.0000000000 
# 
_struct_biol.id   1 
# 
loop_
_pdbx_unobs_or_zero_occ_residues.id 
_pdbx_unobs_or_zero_occ_residues.PDB_model_num 
_pdbx_unobs_or_zero_occ_residues.polymer_flag 
_pdbx_unobs_or_zero_occ_residues.occupancy_flag 
_pdbx_unobs_or_zero_occ_residues.auth_asym_id 
_pdbx_unobs_or_zero_occ_residues.auth_comp_id 
_pdbx_unobs_or_zero_occ_residues.auth_seq_id 
_pdbx_unobs_or_zero_occ_residues.PDB_ins_code 
_pdbx_unobs_or_zero_occ_residues.label_asym_id 
_pdbx_unobs_or_zero_occ_residues.label_comp_id 
_pdbx_unobs_or_zero_occ_residues.label_seq_id 
1  1 Y 1 A VAL 324 ? A VAL 1   
2  1 Y 1 A ILE 325 ? A ILE 2   
3  1 Y 1 A ALA 574 ? A ALA 251 
4  1 Y 1 A GLY 575 ? A GLY 252 
5  1 Y 1 A GLU 576 ? A GLU 253 
6  1 Y 1 A GLU 577 ? A GLU 254 
7  1 Y 1 A PHE 578 ? A PHE 255 
8  1 Y 1 A ASN 579 ? A ASN 256 
9  1 Y 1 A LEU 580 ? A LEU 257 
10 1 Y 1 A SER 581 ? A SER 258 
11 1 Y 1 A SER 582 ? A SER 259 
12 1 Y 1 A THR 583 ? A THR 260 
13 1 Y 1 A LYS 584 ? A LYS 261 
14 1 Y 1 A GLN 585 ? A GLN 262 
15 1 Y 1 A LEU 586 ? A LEU 263 
16 1 Y 1 A GLN 587 ? A GLN 264 
17 1 Y 1 A THR 588 ? A THR 265 
18 1 Y 1 A ILE 589 ? A ILE 266 
19 1 Y 1 A LEU 590 ? A LEU 267 
20 1 Y 1 A PHE 591 ? A PHE 268 
21 1 Y 1 A GLU 592 ? A GLU 269 
22 1 Y 1 A LYS 593 ? A LYS 270 
23 1 Y 1 A GLN 594 ? A GLN 271 
24 1 Y 1 A GLY 595 ? A GLY 272 
25 1 Y 1 A ILE 596 ? A ILE 273 
26 1 Y 1 A LYS 597 ? A LYS 274 
27 1 Y 1 A PRO 598 ? A PRO 275 
28 1 Y 1 A LEU 599 ? A LEU 276 
29 1 Y 1 A LYS 600 ? A LYS 277 
30 1 Y 1 A LYS 601 ? A LYS 278 
31 1 Y 1 A THR 602 ? A THR 279 
32 1 Y 1 A PRO 603 ? A PRO 280 
33 1 Y 1 A GLY 604 ? A GLY 281 
34 1 Y 1 A GLY 605 ? A GLY 282 
35 1 Y 1 A ALA 606 ? A ALA 283 
36 1 Y 1 A PRO 607 ? A PRO 284 
37 1 Y 1 A SER 608 ? A SER 285 
38 1 Y 1 A THR 609 ? A THR 286 
39 1 Y 1 A SER 610 ? A SER 287 
40 1 Y 1 A GLU 611 ? A GLU 288 
41 1 Y 1 A GLU 612 ? A GLU 289 
42 1 Y 1 A VAL 613 ? A VAL 290 
43 1 Y 1 A LEU 614 ? A LEU 291 
44 1 Y 1 A GLU 615 ? A GLU 292 
45 1 Y 1 A GLU 616 ? A GLU 293 
46 1 Y 1 A LEU 617 ? A LEU 294 
47 1 Y 1 A ALA 618 ? A ALA 295 
48 1 Y 1 A LEU 619 ? A LEU 296 
49 1 Y 1 A ASP 620 ? A ASP 297 
50 1 Y 1 A TYR 621 ? A TYR 298 
51 1 Y 1 A PRO 622 ? A PRO 299 
52 1 Y 1 A PRO 780 ? A PRO 457 
53 1 Y 1 A ARG 781 ? A ARG 458 
54 1 Y 1 A LYS 782 ? A LYS 459 
55 1 Y 1 A GLU 783 ? A GLU 460 
56 1 Y 1 A ALA 784 ? A ALA 461 
57 1 Y 1 A GLN 785 ? A GLN 462 
58 1 Y 1 A LYS 786 ? A LYS 463 
59 1 Y 1 A TYR 787 ? A TYR 464 
# 
loop_
_chem_comp_atom.comp_id 
_chem_comp_atom.atom_id 
_chem_comp_atom.type_symbol 
_chem_comp_atom.pdbx_aromatic_flag 
_chem_comp_atom.pdbx_stereo_config 
_chem_comp_atom.pdbx_ordinal 
ALA N    N  N N 1   
ALA CA   C  N S 2   
ALA C    C  N N 3   
ALA O    O  N N 4   
ALA CB   C  N N 5   
ALA OXT  O  N N 6   
ALA H    H  N N 7   
ALA H2   H  N N 8   
ALA HA   H  N N 9   
ALA HB1  H  N N 10  
ALA HB2  H  N N 11  
ALA HB3  H  N N 12  
ALA HXT  H  N N 13  
ARG N    N  N N 14  
ARG CA   C  N S 15  
ARG C    C  N N 16  
ARG O    O  N N 17  
ARG CB   C  N N 18  
ARG CG   C  N N 19  
ARG CD   C  N N 20  
ARG NE   N  N N 21  
ARG CZ   C  N N 22  
ARG NH1  N  N N 23  
ARG NH2  N  N N 24  
ARG OXT  O  N N 25  
ARG H    H  N N 26  
ARG H2   H  N N 27  
ARG HA   H  N N 28  
ARG HB2  H  N N 29  
ARG HB3  H  N N 30  
ARG HG2  H  N N 31  
ARG HG3  H  N N 32  
ARG HD2  H  N N 33  
ARG HD3  H  N N 34  
ARG HE   H  N N 35  
ARG HH11 H  N N 36  
ARG HH12 H  N N 37  
ARG HH21 H  N N 38  
ARG HH22 H  N N 39  
ARG HXT  H  N N 40  
ASN N    N  N N 41  
ASN CA   C  N S 42  
ASN C    C  N N 43  
ASN O    O  N N 44  
ASN CB   C  N N 45  
ASN CG   C  N N 46  
ASN OD1  O  N N 47  
ASN ND2  N  N N 48  
ASN OXT  O  N N 49  
ASN H    H  N N 50  
ASN H2   H  N N 51  
ASN HA   H  N N 52  
ASN HB2  H  N N 53  
ASN HB3  H  N N 54  
ASN HD21 H  N N 55  
ASN HD22 H  N N 56  
ASN HXT  H  N N 57  
ASP N    N  N N 58  
ASP CA   C  N S 59  
ASP C    C  N N 60  
ASP O    O  N N 61  
ASP CB   C  N N 62  
ASP CG   C  N N 63  
ASP OD1  O  N N 64  
ASP OD2  O  N N 65  
ASP OXT  O  N N 66  
ASP H    H  N N 67  
ASP H2   H  N N 68  
ASP HA   H  N N 69  
ASP HB2  H  N N 70  
ASP HB3  H  N N 71  
ASP HD2  H  N N 72  
ASP HXT  H  N N 73  
CYS N    N  N N 74  
CYS CA   C  N R 75  
CYS C    C  N N 76  
CYS O    O  N N 77  
CYS CB   C  N N 78  
CYS SG   S  N N 79  
CYS OXT  O  N N 80  
CYS H    H  N N 81  
CYS H2   H  N N 82  
CYS HA   H  N N 83  
CYS HB2  H  N N 84  
CYS HB3  H  N N 85  
CYS HG   H  N N 86  
CYS HXT  H  N N 87  
GLN N    N  N N 88  
GLN CA   C  N S 89  
GLN C    C  N N 90  
GLN O    O  N N 91  
GLN CB   C  N N 92  
GLN CG   C  N N 93  
GLN CD   C  N N 94  
GLN OE1  O  N N 95  
GLN NE2  N  N N 96  
GLN OXT  O  N N 97  
GLN H    H  N N 98  
GLN H2   H  N N 99  
GLN HA   H  N N 100 
GLN HB2  H  N N 101 
GLN HB3  H  N N 102 
GLN HG2  H  N N 103 
GLN HG3  H  N N 104 
GLN HE21 H  N N 105 
GLN HE22 H  N N 106 
GLN HXT  H  N N 107 
GLU N    N  N N 108 
GLU CA   C  N S 109 
GLU C    C  N N 110 
GLU O    O  N N 111 
GLU CB   C  N N 112 
GLU CG   C  N N 113 
GLU CD   C  N N 114 
GLU OE1  O  N N 115 
GLU OE2  O  N N 116 
GLU OXT  O  N N 117 
GLU H    H  N N 118 
GLU H2   H  N N 119 
GLU HA   H  N N 120 
GLU HB2  H  N N 121 
GLU HB3  H  N N 122 
GLU HG2  H  N N 123 
GLU HG3  H  N N 124 
GLU HE2  H  N N 125 
GLU HXT  H  N N 126 
GLY N    N  N N 127 
GLY CA   C  N N 128 
GLY C    C  N N 129 
GLY O    O  N N 130 
GLY OXT  O  N N 131 
GLY H    H  N N 132 
GLY H2   H  N N 133 
GLY HA2  H  N N 134 
GLY HA3  H  N N 135 
GLY HXT  H  N N 136 
HIS N    N  N N 137 
HIS CA   C  N S 138 
HIS C    C  N N 139 
HIS O    O  N N 140 
HIS CB   C  N N 141 
HIS CG   C  Y N 142 
HIS ND1  N  Y N 143 
HIS CD2  C  Y N 144 
HIS CE1  C  Y N 145 
HIS NE2  N  Y N 146 
HIS OXT  O  N N 147 
HIS H    H  N N 148 
HIS H2   H  N N 149 
HIS HA   H  N N 150 
HIS HB2  H  N N 151 
HIS HB3  H  N N 152 
HIS HD1  H  N N 153 
HIS HD2  H  N N 154 
HIS HE1  H  N N 155 
HIS HE2  H  N N 156 
HIS HXT  H  N N 157 
ILE N    N  N N 158 
ILE CA   C  N S 159 
ILE C    C  N N 160 
ILE O    O  N N 161 
ILE CB   C  N S 162 
ILE CG1  C  N N 163 
ILE CG2  C  N N 164 
ILE CD1  C  N N 165 
ILE OXT  O  N N 166 
ILE H    H  N N 167 
ILE H2   H  N N 168 
ILE HA   H  N N 169 
ILE HB   H  N N 170 
ILE HG12 H  N N 171 
ILE HG13 H  N N 172 
ILE HG21 H  N N 173 
ILE HG22 H  N N 174 
ILE HG23 H  N N 175 
ILE HD11 H  N N 176 
ILE HD12 H  N N 177 
ILE HD13 H  N N 178 
ILE HXT  H  N N 179 
LEU N    N  N N 180 
LEU CA   C  N S 181 
LEU C    C  N N 182 
LEU O    O  N N 183 
LEU CB   C  N N 184 
LEU CG   C  N N 185 
LEU CD1  C  N N 186 
LEU CD2  C  N N 187 
LEU OXT  O  N N 188 
LEU H    H  N N 189 
LEU H2   H  N N 190 
LEU HA   H  N N 191 
LEU HB2  H  N N 192 
LEU HB3  H  N N 193 
LEU HG   H  N N 194 
LEU HD11 H  N N 195 
LEU HD12 H  N N 196 
LEU HD13 H  N N 197 
LEU HD21 H  N N 198 
LEU HD22 H  N N 199 
LEU HD23 H  N N 200 
LEU HXT  H  N N 201 
LYS N    N  N N 202 
LYS CA   C  N S 203 
LYS C    C  N N 204 
LYS O    O  N N 205 
LYS CB   C  N N 206 
LYS CG   C  N N 207 
LYS CD   C  N N 208 
LYS CE   C  N N 209 
LYS NZ   N  N N 210 
LYS OXT  O  N N 211 
LYS H    H  N N 212 
LYS H2   H  N N 213 
LYS HA   H  N N 214 
LYS HB2  H  N N 215 
LYS HB3  H  N N 216 
LYS HG2  H  N N 217 
LYS HG3  H  N N 218 
LYS HD2  H  N N 219 
LYS HD3  H  N N 220 
LYS HE2  H  N N 221 
LYS HE3  H  N N 222 
LYS HZ1  H  N N 223 
LYS HZ2  H  N N 224 
LYS HZ3  H  N N 225 
LYS HXT  H  N N 226 
MET N    N  N N 227 
MET CA   C  N S 228 
MET C    C  N N 229 
MET O    O  N N 230 
MET CB   C  N N 231 
MET CG   C  N N 232 
MET SD   S  N N 233 
MET CE   C  N N 234 
MET OXT  O  N N 235 
MET H    H  N N 236 
MET H2   H  N N 237 
MET HA   H  N N 238 
MET HB2  H  N N 239 
MET HB3  H  N N 240 
MET HG2  H  N N 241 
MET HG3  H  N N 242 
MET HE1  H  N N 243 
MET HE2  H  N N 244 
MET HE3  H  N N 245 
MET HXT  H  N N 246 
PHE N    N  N N 247 
PHE CA   C  N S 248 
PHE C    C  N N 249 
PHE O    O  N N 250 
PHE CB   C  N N 251 
PHE CG   C  Y N 252 
PHE CD1  C  Y N 253 
PHE CD2  C  Y N 254 
PHE CE1  C  Y N 255 
PHE CE2  C  Y N 256 
PHE CZ   C  Y N 257 
PHE OXT  O  N N 258 
PHE H    H  N N 259 
PHE H2   H  N N 260 
PHE HA   H  N N 261 
PHE HB2  H  N N 262 
PHE HB3  H  N N 263 
PHE HD1  H  N N 264 
PHE HD2  H  N N 265 
PHE HE1  H  N N 266 
PHE HE2  H  N N 267 
PHE HZ   H  N N 268 
PHE HXT  H  N N 269 
PRO N    N  N N 270 
PRO CA   C  N S 271 
PRO C    C  N N 272 
PRO O    O  N N 273 
PRO CB   C  N N 274 
PRO CG   C  N N 275 
PRO CD   C  N N 276 
PRO OXT  O  N N 277 
PRO H    H  N N 278 
PRO HA   H  N N 279 
PRO HB2  H  N N 280 
PRO HB3  H  N N 281 
PRO HG2  H  N N 282 
PRO HG3  H  N N 283 
PRO HD2  H  N N 284 
PRO HD3  H  N N 285 
PRO HXT  H  N N 286 
SER N    N  N N 287 
SER CA   C  N S 288 
SER C    C  N N 289 
SER O    O  N N 290 
SER CB   C  N N 291 
SER OG   O  N N 292 
SER OXT  O  N N 293 
SER H    H  N N 294 
SER H2   H  N N 295 
SER HA   H  N N 296 
SER HB2  H  N N 297 
SER HB3  H  N N 298 
SER HG   H  N N 299 
SER HXT  H  N N 300 
THR N    N  N N 301 
THR CA   C  N S 302 
THR C    C  N N 303 
THR O    O  N N 304 
THR CB   C  N R 305 
THR OG1  O  N N 306 
THR CG2  C  N N 307 
THR OXT  O  N N 308 
THR H    H  N N 309 
THR H2   H  N N 310 
THR HA   H  N N 311 
THR HB   H  N N 312 
THR HG1  H  N N 313 
THR HG21 H  N N 314 
THR HG22 H  N N 315 
THR HG23 H  N N 316 
THR HXT  H  N N 317 
TRP N    N  N N 318 
TRP CA   C  N S 319 
TRP C    C  N N 320 
TRP O    O  N N 321 
TRP CB   C  N N 322 
TRP CG   C  Y N 323 
TRP CD1  C  Y N 324 
TRP CD2  C  Y N 325 
TRP NE1  N  Y N 326 
TRP CE2  C  Y N 327 
TRP CE3  C  Y N 328 
TRP CZ2  C  Y N 329 
TRP CZ3  C  Y N 330 
TRP CH2  C  Y N 331 
TRP OXT  O  N N 332 
TRP H    H  N N 333 
TRP H2   H  N N 334 
TRP HA   H  N N 335 
TRP HB2  H  N N 336 
TRP HB3  H  N N 337 
TRP HD1  H  N N 338 
TRP HE1  H  N N 339 
TRP HE3  H  N N 340 
TRP HZ2  H  N N 341 
TRP HZ3  H  N N 342 
TRP HH2  H  N N 343 
TRP HXT  H  N N 344 
TYR N    N  N N 345 
TYR CA   C  N S 346 
TYR C    C  N N 347 
TYR O    O  N N 348 
TYR CB   C  N N 349 
TYR CG   C  Y N 350 
TYR CD1  C  Y N 351 
TYR CD2  C  Y N 352 
TYR CE1  C  Y N 353 
TYR CE2  C  Y N 354 
TYR CZ   C  Y N 355 
TYR OH   O  N N 356 
TYR OXT  O  N N 357 
TYR H    H  N N 358 
TYR H2   H  N N 359 
TYR HA   H  N N 360 
TYR HB2  H  N N 361 
TYR HB3  H  N N 362 
TYR HD1  H  N N 363 
TYR HD2  H  N N 364 
TYR HE1  H  N N 365 
TYR HE2  H  N N 366 
TYR HH   H  N N 367 
TYR HXT  H  N N 368 
VAL N    N  N N 369 
VAL CA   C  N S 370 
VAL C    C  N N 371 
VAL O    O  N N 372 
VAL CB   C  N N 373 
VAL CG1  C  N N 374 
VAL CG2  C  N N 375 
VAL OXT  O  N N 376 
VAL H    H  N N 377 
VAL H2   H  N N 378 
VAL HA   H  N N 379 
VAL HB   H  N N 380 
VAL HG11 H  N N 381 
VAL HG12 H  N N 382 
VAL HG13 H  N N 383 
VAL HG21 H  N N 384 
VAL HG22 H  N N 385 
VAL HG23 H  N N 386 
VAL HXT  H  N N 387 
ZN  ZN   ZN N N 388 
# 
loop_
_chem_comp_bond.comp_id 
_chem_comp_bond.atom_id_1 
_chem_comp_bond.atom_id_2 
_chem_comp_bond.value_order 
_chem_comp_bond.pdbx_aromatic_flag 
_chem_comp_bond.pdbx_stereo_config 
_chem_comp_bond.pdbx_ordinal 
ALA N   CA   sing N N 1   
ALA N   H    sing N N 2   
ALA N   H2   sing N N 3   
ALA CA  C    sing N N 4   
ALA CA  CB   sing N N 5   
ALA CA  HA   sing N N 6   
ALA C   O    doub N N 7   
ALA C   OXT  sing N N 8   
ALA CB  HB1  sing N N 9   
ALA CB  HB2  sing N N 10  
ALA CB  HB3  sing N N 11  
ALA OXT HXT  sing N N 12  
ARG N   CA   sing N N 13  
ARG N   H    sing N N 14  
ARG N   H2   sing N N 15  
ARG CA  C    sing N N 16  
ARG CA  CB   sing N N 17  
ARG CA  HA   sing N N 18  
ARG C   O    doub N N 19  
ARG C   OXT  sing N N 20  
ARG CB  CG   sing N N 21  
ARG CB  HB2  sing N N 22  
ARG CB  HB3  sing N N 23  
ARG CG  CD   sing N N 24  
ARG CG  HG2  sing N N 25  
ARG CG  HG3  sing N N 26  
ARG CD  NE   sing N N 27  
ARG CD  HD2  sing N N 28  
ARG CD  HD3  sing N N 29  
ARG NE  CZ   sing N N 30  
ARG NE  HE   sing N N 31  
ARG CZ  NH1  sing N N 32  
ARG CZ  NH2  doub N N 33  
ARG NH1 HH11 sing N N 34  
ARG NH1 HH12 sing N N 35  
ARG NH2 HH21 sing N N 36  
ARG NH2 HH22 sing N N 37  
ARG OXT HXT  sing N N 38  
ASN N   CA   sing N N 39  
ASN N   H    sing N N 40  
ASN N   H2   sing N N 41  
ASN CA  C    sing N N 42  
ASN CA  CB   sing N N 43  
ASN CA  HA   sing N N 44  
ASN C   O    doub N N 45  
ASN C   OXT  sing N N 46  
ASN CB  CG   sing N N 47  
ASN CB  HB2  sing N N 48  
ASN CB  HB3  sing N N 49  
ASN CG  OD1  doub N N 50  
ASN CG  ND2  sing N N 51  
ASN ND2 HD21 sing N N 52  
ASN ND2 HD22 sing N N 53  
ASN OXT HXT  sing N N 54  
ASP N   CA   sing N N 55  
ASP N   H    sing N N 56  
ASP N   H2   sing N N 57  
ASP CA  C    sing N N 58  
ASP CA  CB   sing N N 59  
ASP CA  HA   sing N N 60  
ASP C   O    doub N N 61  
ASP C   OXT  sing N N 62  
ASP CB  CG   sing N N 63  
ASP CB  HB2  sing N N 64  
ASP CB  HB3  sing N N 65  
ASP CG  OD1  doub N N 66  
ASP CG  OD2  sing N N 67  
ASP OD2 HD2  sing N N 68  
ASP OXT HXT  sing N N 69  
CYS N   CA   sing N N 70  
CYS N   H    sing N N 71  
CYS N   H2   sing N N 72  
CYS CA  C    sing N N 73  
CYS CA  CB   sing N N 74  
CYS CA  HA   sing N N 75  
CYS C   O    doub N N 76  
CYS C   OXT  sing N N 77  
CYS CB  SG   sing N N 78  
CYS CB  HB2  sing N N 79  
CYS CB  HB3  sing N N 80  
CYS SG  HG   sing N N 81  
CYS OXT HXT  sing N N 82  
GLN N   CA   sing N N 83  
GLN N   H    sing N N 84  
GLN N   H2   sing N N 85  
GLN CA  C    sing N N 86  
GLN CA  CB   sing N N 87  
GLN CA  HA   sing N N 88  
GLN C   O    doub N N 89  
GLN C   OXT  sing N N 90  
GLN CB  CG   sing N N 91  
GLN CB  HB2  sing N N 92  
GLN CB  HB3  sing N N 93  
GLN CG  CD   sing N N 94  
GLN CG  HG2  sing N N 95  
GLN CG  HG3  sing N N 96  
GLN CD  OE1  doub N N 97  
GLN CD  NE2  sing N N 98  
GLN NE2 HE21 sing N N 99  
GLN NE2 HE22 sing N N 100 
GLN OXT HXT  sing N N 101 
GLU N   CA   sing N N 102 
GLU N   H    sing N N 103 
GLU N   H2   sing N N 104 
GLU CA  C    sing N N 105 
GLU CA  CB   sing N N 106 
GLU CA  HA   sing N N 107 
GLU C   O    doub N N 108 
GLU C   OXT  sing N N 109 
GLU CB  CG   sing N N 110 
GLU CB  HB2  sing N N 111 
GLU CB  HB3  sing N N 112 
GLU CG  CD   sing N N 113 
GLU CG  HG2  sing N N 114 
GLU CG  HG3  sing N N 115 
GLU CD  OE1  doub N N 116 
GLU CD  OE2  sing N N 117 
GLU OE2 HE2  sing N N 118 
GLU OXT HXT  sing N N 119 
GLY N   CA   sing N N 120 
GLY N   H    sing N N 121 
GLY N   H2   sing N N 122 
GLY CA  C    sing N N 123 
GLY CA  HA2  sing N N 124 
GLY CA  HA3  sing N N 125 
GLY C   O    doub N N 126 
GLY C   OXT  sing N N 127 
GLY OXT HXT  sing N N 128 
HIS N   CA   sing N N 129 
HIS N   H    sing N N 130 
HIS N   H2   sing N N 131 
HIS CA  C    sing N N 132 
HIS CA  CB   sing N N 133 
HIS CA  HA   sing N N 134 
HIS C   O    doub N N 135 
HIS C   OXT  sing N N 136 
HIS CB  CG   sing N N 137 
HIS CB  HB2  sing N N 138 
HIS CB  HB3  sing N N 139 
HIS CG  ND1  sing Y N 140 
HIS CG  CD2  doub Y N 141 
HIS ND1 CE1  doub Y N 142 
HIS ND1 HD1  sing N N 143 
HIS CD2 NE2  sing Y N 144 
HIS CD2 HD2  sing N N 145 
HIS CE1 NE2  sing Y N 146 
HIS CE1 HE1  sing N N 147 
HIS NE2 HE2  sing N N 148 
HIS OXT HXT  sing N N 149 
ILE N   CA   sing N N 150 
ILE N   H    sing N N 151 
ILE N   H2   sing N N 152 
ILE CA  C    sing N N 153 
ILE CA  CB   sing N N 154 
ILE CA  HA   sing N N 155 
ILE C   O    doub N N 156 
ILE C   OXT  sing N N 157 
ILE CB  CG1  sing N N 158 
ILE CB  CG2  sing N N 159 
ILE CB  HB   sing N N 160 
ILE CG1 CD1  sing N N 161 
ILE CG1 HG12 sing N N 162 
ILE CG1 HG13 sing N N 163 
ILE CG2 HG21 sing N N 164 
ILE CG2 HG22 sing N N 165 
ILE CG2 HG23 sing N N 166 
ILE CD1 HD11 sing N N 167 
ILE CD1 HD12 sing N N 168 
ILE CD1 HD13 sing N N 169 
ILE OXT HXT  sing N N 170 
LEU N   CA   sing N N 171 
LEU N   H    sing N N 172 
LEU N   H2   sing N N 173 
LEU CA  C    sing N N 174 
LEU CA  CB   sing N N 175 
LEU CA  HA   sing N N 176 
LEU C   O    doub N N 177 
LEU C   OXT  sing N N 178 
LEU CB  CG   sing N N 179 
LEU CB  HB2  sing N N 180 
LEU CB  HB3  sing N N 181 
LEU CG  CD1  sing N N 182 
LEU CG  CD2  sing N N 183 
LEU CG  HG   sing N N 184 
LEU CD1 HD11 sing N N 185 
LEU CD1 HD12 sing N N 186 
LEU CD1 HD13 sing N N 187 
LEU CD2 HD21 sing N N 188 
LEU CD2 HD22 sing N N 189 
LEU CD2 HD23 sing N N 190 
LEU OXT HXT  sing N N 191 
LYS N   CA   sing N N 192 
LYS N   H    sing N N 193 
LYS N   H2   sing N N 194 
LYS CA  C    sing N N 195 
LYS CA  CB   sing N N 196 
LYS CA  HA   sing N N 197 
LYS C   O    doub N N 198 
LYS C   OXT  sing N N 199 
LYS CB  CG   sing N N 200 
LYS CB  HB2  sing N N 201 
LYS CB  HB3  sing N N 202 
LYS CG  CD   sing N N 203 
LYS CG  HG2  sing N N 204 
LYS CG  HG3  sing N N 205 
LYS CD  CE   sing N N 206 
LYS CD  HD2  sing N N 207 
LYS CD  HD3  sing N N 208 
LYS CE  NZ   sing N N 209 
LYS CE  HE2  sing N N 210 
LYS CE  HE3  sing N N 211 
LYS NZ  HZ1  sing N N 212 
LYS NZ  HZ2  sing N N 213 
LYS NZ  HZ3  sing N N 214 
LYS OXT HXT  sing N N 215 
MET N   CA   sing N N 216 
MET N   H    sing N N 217 
MET N   H2   sing N N 218 
MET CA  C    sing N N 219 
MET CA  CB   sing N N 220 
MET CA  HA   sing N N 221 
MET C   O    doub N N 222 
MET C   OXT  sing N N 223 
MET CB  CG   sing N N 224 
MET CB  HB2  sing N N 225 
MET CB  HB3  sing N N 226 
MET CG  SD   sing N N 227 
MET CG  HG2  sing N N 228 
MET CG  HG3  sing N N 229 
MET SD  CE   sing N N 230 
MET CE  HE1  sing N N 231 
MET CE  HE2  sing N N 232 
MET CE  HE3  sing N N 233 
MET OXT HXT  sing N N 234 
PHE N   CA   sing N N 235 
PHE N   H    sing N N 236 
PHE N   H2   sing N N 237 
PHE CA  C    sing N N 238 
PHE CA  CB   sing N N 239 
PHE CA  HA   sing N N 240 
PHE C   O    doub N N 241 
PHE C   OXT  sing N N 242 
PHE CB  CG   sing N N 243 
PHE CB  HB2  sing N N 244 
PHE CB  HB3  sing N N 245 
PHE CG  CD1  doub Y N 246 
PHE CG  CD2  sing Y N 247 
PHE CD1 CE1  sing Y N 248 
PHE CD1 HD1  sing N N 249 
PHE CD2 CE2  doub Y N 250 
PHE CD2 HD2  sing N N 251 
PHE CE1 CZ   doub Y N 252 
PHE CE1 HE1  sing N N 253 
PHE CE2 CZ   sing Y N 254 
PHE CE2 HE2  sing N N 255 
PHE CZ  HZ   sing N N 256 
PHE OXT HXT  sing N N 257 
PRO N   CA   sing N N 258 
PRO N   CD   sing N N 259 
PRO N   H    sing N N 260 
PRO CA  C    sing N N 261 
PRO CA  CB   sing N N 262 
PRO CA  HA   sing N N 263 
PRO C   O    doub N N 264 
PRO C   OXT  sing N N 265 
PRO CB  CG   sing N N 266 
PRO CB  HB2  sing N N 267 
PRO CB  HB3  sing N N 268 
PRO CG  CD   sing N N 269 
PRO CG  HG2  sing N N 270 
PRO CG  HG3  sing N N 271 
PRO CD  HD2  sing N N 272 
PRO CD  HD3  sing N N 273 
PRO OXT HXT  sing N N 274 
SER N   CA   sing N N 275 
SER N   H    sing N N 276 
SER N   H2   sing N N 277 
SER CA  C    sing N N 278 
SER CA  CB   sing N N 279 
SER CA  HA   sing N N 280 
SER C   O    doub N N 281 
SER C   OXT  sing N N 282 
SER CB  OG   sing N N 283 
SER CB  HB2  sing N N 284 
SER CB  HB3  sing N N 285 
SER OG  HG   sing N N 286 
SER OXT HXT  sing N N 287 
THR N   CA   sing N N 288 
THR N   H    sing N N 289 
THR N   H2   sing N N 290 
THR CA  C    sing N N 291 
THR CA  CB   sing N N 292 
THR CA  HA   sing N N 293 
THR C   O    doub N N 294 
THR C   OXT  sing N N 295 
THR CB  OG1  sing N N 296 
THR CB  CG2  sing N N 297 
THR CB  HB   sing N N 298 
THR OG1 HG1  sing N N 299 
THR CG2 HG21 sing N N 300 
THR CG2 HG22 sing N N 301 
THR CG2 HG23 sing N N 302 
THR OXT HXT  sing N N 303 
TRP N   CA   sing N N 304 
TRP N   H    sing N N 305 
TRP N   H2   sing N N 306 
TRP CA  C    sing N N 307 
TRP CA  CB   sing N N 308 
TRP CA  HA   sing N N 309 
TRP C   O    doub N N 310 
TRP C   OXT  sing N N 311 
TRP CB  CG   sing N N 312 
TRP CB  HB2  sing N N 313 
TRP CB  HB3  sing N N 314 
TRP CG  CD1  doub Y N 315 
TRP CG  CD2  sing Y N 316 
TRP CD1 NE1  sing Y N 317 
TRP CD1 HD1  sing N N 318 
TRP CD2 CE2  doub Y N 319 
TRP CD2 CE3  sing Y N 320 
TRP NE1 CE2  sing Y N 321 
TRP NE1 HE1  sing N N 322 
TRP CE2 CZ2  sing Y N 323 
TRP CE3 CZ3  doub Y N 324 
TRP CE3 HE3  sing N N 325 
TRP CZ2 CH2  doub Y N 326 
TRP CZ2 HZ2  sing N N 327 
TRP CZ3 CH2  sing Y N 328 
TRP CZ3 HZ3  sing N N 329 
TRP CH2 HH2  sing N N 330 
TRP OXT HXT  sing N N 331 
TYR N   CA   sing N N 332 
TYR N   H    sing N N 333 
TYR N   H2   sing N N 334 
TYR CA  C    sing N N 335 
TYR CA  CB   sing N N 336 
TYR CA  HA   sing N N 337 
TYR C   O    doub N N 338 
TYR C   OXT  sing N N 339 
TYR CB  CG   sing N N 340 
TYR CB  HB2  sing N N 341 
TYR CB  HB3  sing N N 342 
TYR CG  CD1  doub Y N 343 
TYR CG  CD2  sing Y N 344 
TYR CD1 CE1  sing Y N 345 
TYR CD1 HD1  sing N N 346 
TYR CD2 CE2  doub Y N 347 
TYR CD2 HD2  sing N N 348 
TYR CE1 CZ   doub Y N 349 
TYR CE1 HE1  sing N N 350 
TYR CE2 CZ   sing Y N 351 
TYR CE2 HE2  sing N N 352 
TYR CZ  OH   sing N N 353 
TYR OH  HH   sing N N 354 
TYR OXT HXT  sing N N 355 
VAL N   CA   sing N N 356 
VAL N   H    sing N N 357 
VAL N   H2   sing N N 358 
VAL CA  C    sing N N 359 
VAL CA  CB   sing N N 360 
VAL CA  HA   sing N N 361 
VAL C   O    doub N N 362 
VAL C   OXT  sing N N 363 
VAL CB  CG1  sing N N 364 
VAL CB  CG2  sing N N 365 
VAL CB  HB   sing N N 366 
VAL CG1 HG11 sing N N 367 
VAL CG1 HG12 sing N N 368 
VAL CG1 HG13 sing N N 369 
VAL CG2 HG21 sing N N 370 
VAL CG2 HG22 sing N N 371 
VAL CG2 HG23 sing N N 372 
VAL OXT HXT  sing N N 373 
# 
_pdbx_coordinate_model.asym_id   A 
_pdbx_coordinate_model.type      'CA ATOMS ONLY' 
# 
_atom_sites.entry_id                    1DPI 
_atom_sites.fract_transf_matrix[1][1]   0.00762076 
_atom_sites.fract_transf_matrix[1][2]   -0.00516389 
_atom_sites.fract_transf_matrix[1][3]   -0.00311413 
_atom_sites.fract_transf_matrix[2][1]   -0.00520278 
_atom_sites.fract_transf_matrix[2][2]   -0.00816772 
_atom_sites.fract_transf_matrix[2][3]   0.00081182 
_atom_sites.fract_transf_matrix[3][1]   -0.00365639 
_atom_sites.fract_transf_matrix[3][2]   0.00123603 
_atom_sites.fract_transf_matrix[3][3]   -0.01099737 
_atom_sites.fract_transf_vector[1]      0.549805 
_atom_sites.fract_transf_vector[2]      0.137320 
_atom_sites.fract_transf_vector[3]      1.093272 
# 
loop_
_atom_type.symbol 
C  
ZN 
# 
loop_
_atom_site.group_PDB 
_atom_site.id 
_atom_site.type_symbol 
_atom_site.label_atom_id 
_atom_site.label_alt_id 
_atom_site.label_comp_id 
_atom_site.label_asym_id 
_atom_site.label_entity_id 
_atom_site.label_seq_id 
_atom_site.pdbx_PDB_ins_code 
_atom_site.Cartn_x 
_atom_site.Cartn_y 
_atom_site.Cartn_z 
_atom_site.occupancy 
_atom_site.B_iso_or_equiv 
_atom_site.pdbx_formal_charge 
_atom_site.auth_seq_id 
_atom_site.auth_comp_id 
_atom_site.auth_asym_id 
_atom_site.auth_atom_id 
_atom_site.pdbx_PDB_model_num 
ATOM   1   C  CA . SER A 1 3   ? 10.329  -26.650 15.350  1.00 18.00 ? 326 SER A CA 1 
ATOM   2   C  CA . TYR A 1 4   ? 8.356   -29.215 17.388  1.00 18.00 ? 327 TYR A CA 1 
ATOM   3   C  CA . ASP A 1 5   ? 5.364   -30.366 15.339  1.00 18.00 ? 328 ASP A CA 1 
ATOM   4   C  CA . ASN A 1 6   ? 2.646   -32.719 16.551  1.00 18.00 ? 329 ASN A CA 1 
ATOM   5   C  CA . TYR A 1 7   ? -0.032  -29.996 16.927  1.00 18.00 ? 330 TYR A CA 1 
ATOM   6   C  CA . VAL A 1 8   ? -3.782  -30.897 16.913  1.00 18.00 ? 331 VAL A CA 1 
ATOM   7   C  CA . THR A 1 9   ? -6.681  -31.416 14.464  1.00 18.00 ? 332 THR A CA 1 
ATOM   8   C  CA . ILE A 1 10  ? -9.780  -30.282 16.408  1.00 18.00 ? 333 ILE A CA 1 
ATOM   9   C  CA . LEU A 1 11  ? -12.319 -32.705 14.950  1.00 18.00 ? 334 LEU A CA 1 
ATOM   10  C  CA . ASP A 1 12  ? -14.839 -32.486 17.836  1.00 18.00 ? 335 ASP A CA 1 
ATOM   11  C  CA . GLU A 1 13  ? -17.145 -29.736 19.153  1.00 18.00 ? 336 GLU A CA 1 
ATOM   12  C  CA . GLU A 1 14  ? -16.017 -30.758 22.596  1.00 18.00 ? 337 GLU A CA 1 
ATOM   13  C  CA . THR A 1 15  ? -12.284 -30.122 22.125  1.00 18.00 ? 338 THR A CA 1 
ATOM   14  C  CA . LEU A 1 16  ? -12.931 -26.768 20.404  1.00 18.00 ? 339 LEU A CA 1 
ATOM   15  C  CA . LYS A 1 17  ? -14.873 -25.653 23.466  1.00 18.00 ? 340 LYS A CA 1 
ATOM   16  C  CA . ALA A 1 18  ? -11.834 -26.627 25.594  1.00 18.00 ? 341 ALA A CA 1 
ATOM   17  C  CA . TRP A 1 19  ? -9.796  -24.457 23.245  1.00 18.00 ? 342 TRP A CA 1 
ATOM   18  C  CA . ILE A 1 20  ? -12.334 -21.630 22.958  1.00 18.00 ? 343 ILE A CA 1 
ATOM   19  C  CA . ALA A 1 21  ? -11.490 -21.366 26.690  1.00 18.00 ? 344 ALA A CA 1 
ATOM   20  C  CA . LYS A 1 22  ? -7.702  -21.856 26.752  1.00 18.00 ? 345 LYS A CA 1 
ATOM   21  C  CA . LEU A 1 23  ? -8.201  -19.346 23.950  1.00 18.00 ? 346 LEU A CA 1 
ATOM   22  C  CA . GLU A 1 24  ? -10.389 -17.014 26.008  1.00 18.00 ? 347 GLU A CA 1 
ATOM   23  C  CA . LYS A 1 25  ? -7.995  -16.878 29.001  1.00 18.00 ? 348 LYS A CA 1 
ATOM   24  C  CA . ALA A 1 26  ? -4.856  -16.073 27.021  1.00 18.00 ? 349 ALA A CA 1 
ATOM   25  C  CA . PRO A 1 27  ? -2.981  -12.795 26.821  1.00 18.00 ? 350 PRO A CA 1 
ATOM   26  C  CA . VAL A 1 28  ? -2.458  -13.031 23.037  1.00 18.00 ? 351 VAL A CA 1 
ATOM   27  C  CA . PHE A 1 29  ? -3.048  -15.904 20.583  1.00 18.00 ? 352 PHE A CA 1 
ATOM   28  C  CA . ALA A 1 30  ? -2.211  -16.354 16.888  1.00 18.00 ? 353 ALA A CA 1 
ATOM   29  C  CA . PHE A 1 31  ? -5.056  -16.635 14.336  1.00 18.00 ? 354 PHE A CA 1 
ATOM   30  C  CA . ASP A 1 32  ? -4.525  -18.111 10.854  1.00 18.00 ? 355 ASP A CA 1 
ATOM   31  C  CA . THR A 1 33  ? -6.863  -19.162 8.052   1.00 18.00 ? 356 THR A CA 1 
ATOM   32  C  CA . GLU A 1 34  ? -6.338  -21.584 5.195   1.00 18.00 ? 357 GLU A CA 1 
ATOM   33  C  CA . THR A 1 35  ? -8.831  -21.319 2.313   1.00 18.00 ? 358 THR A CA 1 
ATOM   34  C  CA . ASP A 1 36  ? -9.278  -22.542 -1.300  1.00 18.00 ? 359 ASP A CA 1 
ATOM   35  C  CA . SER A 1 37  ? -8.118  -19.507 -3.366  1.00 18.00 ? 360 SER A CA 1 
ATOM   36  C  CA . LEU A 1 38  ? -7.547  -15.764 -2.733  1.00 18.00 ? 361 LEU A CA 1 
ATOM   37  C  CA . ASP A 1 39  ? -9.829  -13.492 -0.783  1.00 18.00 ? 362 ASP A CA 1 
ATOM   38  C  CA . ASN A 1 40  ? -13.424 -12.610 -1.810  1.00 18.00 ? 363 ASN A CA 1 
ATOM   39  C  CA . ILE A 1 41  ? -14.185 -15.286 -4.421  1.00 18.00 ? 364 ILE A CA 1 
ATOM   40  C  CA . SER A 1 42  ? -11.981 -17.788 -2.683  1.00 18.00 ? 365 SER A CA 1 
ATOM   41  C  CA . ALA A 1 43  ? -12.908 -17.076 0.935   1.00 18.00 ? 366 ALA A CA 1 
ATOM   42  C  CA . ASN A 1 44  ? -14.254 -20.603 1.038   1.00 18.00 ? 367 ASN A CA 1 
ATOM   43  C  CA . LEU A 1 45  ? -12.463 -21.043 4.324   1.00 18.00 ? 368 LEU A CA 1 
ATOM   44  C  CA . VAL A 1 46  ? -11.479 -24.662 4.801   1.00 18.00 ? 369 VAL A CA 1 
ATOM   45  C  CA . GLY A 1 47  ? -9.788  -24.322 8.174   1.00 18.00 ? 370 GLY A CA 1 
ATOM   46  C  CA . LEU A 1 48  ? -8.821  -22.408 11.284  1.00 18.00 ? 371 LEU A CA 1 
ATOM   47  C  CA . SER A 1 49  ? -5.446  -22.653 13.093  1.00 18.00 ? 372 SER A CA 1 
ATOM   48  C  CA . PHE A 1 50  ? -4.602  -21.282 16.560  1.00 18.00 ? 373 PHE A CA 1 
ATOM   49  C  CA . ALA A 1 51  ? -1.682  -21.040 18.974  1.00 18.00 ? 374 ALA A CA 1 
ATOM   50  C  CA . ILE A 1 52  ? -1.783  -19.955 22.667  1.00 18.00 ? 375 ILE A CA 1 
ATOM   51  C  CA . GLU A 1 53  ? 1.867   -20.346 23.818  1.00 18.00 ? 376 GLU A CA 1 
ATOM   52  C  CA . PRO A 1 54  ? 5.015   -21.201 21.838  1.00 18.00 ? 377 PRO A CA 1 
ATOM   53  C  CA . GLY A 1 55  ? 4.625   -24.848 20.869  1.00 18.00 ? 378 GLY A CA 1 
ATOM   54  C  CA . VAL A 1 56  ? 0.957   -25.376 21.591  1.00 18.00 ? 379 VAL A CA 1 
ATOM   55  C  CA . ALA A 1 57  ? -1.307  -24.730 18.581  1.00 18.00 ? 380 ALA A CA 1 
ATOM   56  C  CA . ALA A 1 58  ? -4.341  -26.280 16.856  1.00 18.00 ? 381 ALA A CA 1 
ATOM   57  C  CA . TYR A 1 59  ? -5.995  -26.598 13.457  1.00 18.00 ? 382 TYR A CA 1 
ATOM   58  C  CA . ILE A 1 60  ? -9.842  -26.676 13.235  1.00 18.00 ? 383 ILE A CA 1 
ATOM   59  C  CA . PRO A 1 61  ? -10.320 -28.426 9.867   1.00 18.00 ? 384 PRO A CA 1 
ATOM   60  C  CA . VAL A 1 62  ? -13.447 -27.327 7.970   1.00 18.00 ? 385 VAL A CA 1 
ATOM   61  C  CA . ALA A 1 63  ? -14.617 -27.698 4.358   1.00 18.00 ? 386 ALA A CA 1 
ATOM   62  C  CA . HIS A 1 64  ? -12.230 -30.621 3.782   1.00 18.00 ? 387 HIS A CA 1 
ATOM   63  C  CA . ASP A 1 65  ? -14.193 -32.536 1.135   1.00 18.00 ? 388 ASP A CA 1 
ATOM   64  C  CA . TYR A 1 66  ? -11.626 -34.828 -0.584  1.00 18.00 ? 389 TYR A CA 1 
ATOM   65  C  CA . LEU A 1 67  ? -13.135 -38.303 -0.517  1.00 18.00 ? 390 LEU A CA 1 
ATOM   66  C  CA . ASP A 1 68  ? -13.176 -40.456 2.637   1.00 18.00 ? 391 ASP A CA 1 
ATOM   67  C  CA . ALA A 1 69  ? -12.560 -37.024 4.123   1.00 18.00 ? 392 ALA A CA 1 
ATOM   68  C  CA . PRO A 1 70  ? -13.089 -37.576 7.834   1.00 18.00 ? 393 PRO A CA 1 
ATOM   69  C  CA . ASP A 1 71  ? -16.236 -36.069 9.399   1.00 18.00 ? 394 ASP A CA 1 
ATOM   70  C  CA . GLN A 1 72  ? -15.147 -32.584 10.361  1.00 18.00 ? 395 GLN A CA 1 
ATOM   71  C  CA . ILE A 1 73  ? -17.397 -29.857 11.686  1.00 18.00 ? 396 ILE A CA 1 
ATOM   72  C  CA . SER A 1 74  ? -19.955 -27.557 10.142  1.00 18.00 ? 397 SER A CA 1 
ATOM   73  C  CA . ARG A 1 75  ? -17.891 -24.571 8.995   1.00 18.00 ? 398 ARG A CA 1 
ATOM   74  C  CA . GLU A 1 76  ? -21.076 -22.897 10.236  1.00 18.00 ? 399 GLU A CA 1 
ATOM   75  C  CA . ARG A 1 77  ? -20.642 -24.042 13.838  1.00 18.00 ? 400 ARG A CA 1 
ATOM   76  C  CA . ALA A 1 78  ? -16.885 -23.551 14.120  1.00 18.00 ? 401 ALA A CA 1 
ATOM   77  C  CA . LEU A 1 79  ? -17.439 -20.001 12.827  1.00 18.00 ? 402 LEU A CA 1 
ATOM   78  C  CA . GLU A 1 80  ? -20.498 -19.575 15.093  1.00 18.00 ? 403 GLU A CA 1 
ATOM   79  C  CA . LEU A 1 81  ? -18.801 -20.869 18.294  1.00 18.00 ? 404 LEU A CA 1 
ATOM   80  C  CA . LEU A 1 82  ? -15.757 -18.878 17.294  1.00 18.00 ? 405 LEU A CA 1 
ATOM   81  C  CA . LYS A 1 83  ? -17.434 -15.645 16.192  1.00 18.00 ? 406 LYS A CA 1 
ATOM   82  C  CA . PRO A 1 84  ? -17.736 -14.203 19.701  1.00 18.00 ? 407 PRO A CA 1 
ATOM   83  C  CA . LEU A 1 85  ? -13.982 -14.405 20.283  1.00 18.00 ? 408 LEU A CA 1 
ATOM   84  C  CA . LEU A 1 86  ? -13.169 -13.545 16.713  1.00 18.00 ? 409 LEU A CA 1 
ATOM   85  C  CA . GLU A 1 87  ? -15.208 -10.358 16.945  1.00 18.00 ? 410 GLU A CA 1 
ATOM   86  C  CA . ASP A 1 88  ? -13.883 -9.148  20.321  1.00 18.00 ? 411 ASP A CA 1 
ATOM   87  C  CA . GLU A 1 89  ? -11.553 -6.167  20.687  1.00 18.00 ? 412 GLU A CA 1 
ATOM   88  C  CA . LYS A 1 90  ? -9.965  -7.945  23.727  1.00 18.00 ? 413 LYS A CA 1 
ATOM   89  C  CA . ALA A 1 91  ? -8.258  -10.621 21.684  1.00 18.00 ? 414 ALA A CA 1 
ATOM   90  C  CA . LEU A 1 92  ? -5.013  -9.010  20.632  1.00 18.00 ? 415 LEU A CA 1 
ATOM   91  C  CA . LYS A 1 93  ? -4.292  -11.607 17.984  1.00 18.00 ? 416 LYS A CA 1 
ATOM   92  C  CA . VAL A 1 94  ? -1.175  -11.968 15.907  1.00 18.00 ? 417 VAL A CA 1 
ATOM   93  C  CA . GLY A 1 95  ? -0.942  -13.540 12.442  1.00 18.00 ? 418 GLY A CA 1 
ATOM   94  C  CA . GLN A 1 96  ? 1.186   -12.855 9.348   1.00 18.00 ? 419 GLN A CA 1 
ATOM   95  C  CA . ASN A 1 97  ? -0.914  -10.624 7.121   1.00 18.00 ? 420 ASN A CA 1 
ATOM   96  C  CA . LEU A 1 98  ? -4.130  -10.368 9.123   1.00 18.00 ? 421 LEU A CA 1 
ATOM   97  C  CA . LYS A 1 99  ? -5.643  -8.501  6.183   1.00 18.00 ? 422 LYS A CA 1 
ATOM   98  C  CA . TYR A 1 100 ? -6.129  -11.719 4.219   1.00 18.00 ? 423 TYR A CA 1 
ATOM   99  C  CA . ASP A 1 101 ? -7.714  -13.236 7.320   1.00 18.00 ? 424 ASP A CA 1 
ATOM   100 C  CA . ARG A 1 102 ? -9.619  -10.027 7.930   1.00 18.00 ? 425 ARG A CA 1 
ATOM   101 C  CA . GLY A 1 103 ? -11.132 -10.554 4.502   1.00 18.00 ? 426 GLY A CA 1 
ATOM   102 C  CA . ILE A 1 104 ? -11.993 -14.240 4.319   1.00 18.00 ? 427 ILE A CA 1 
ATOM   103 C  CA . LEU A 1 105 ? -13.381 -13.842 7.821   1.00 18.00 ? 428 LEU A CA 1 
ATOM   104 C  CA . ALA A 1 106 ? -16.013 -11.756 6.078   1.00 18.00 ? 429 ALA A CA 1 
ATOM   105 C  CA . ASN A 1 107 ? -16.967 -15.401 5.727   1.00 18.00 ? 430 ASN A CA 1 
ATOM   106 C  CA . TYR A 1 108 ? -20.152 -15.090 7.722   1.00 18.00 ? 431 TYR A CA 1 
ATOM   107 C  CA . GLY A 1 109 ? -20.542 -11.412 8.552   1.00 18.00 ? 432 GLY A CA 1 
ATOM   108 C  CA . ILE A 1 110 ? -17.811 -11.804 11.134  1.00 18.00 ? 433 ILE A CA 1 
ATOM   109 C  CA . GLU A 1 111 ? -15.908 -8.617  11.869  1.00 18.00 ? 434 GLU A CA 1 
ATOM   110 C  CA . LEU A 1 112 ? -12.362 -9.553  12.980  1.00 18.00 ? 435 LEU A CA 1 
ATOM   111 C  CA . ARG A 1 113 ? -11.752 -6.944  15.681  1.00 18.00 ? 436 ARG A CA 1 
ATOM   112 C  CA . GLY A 1 114 ? -8.738  -7.491  18.018  1.00 18.00 ? 437 GLY A CA 1 
ATOM   113 C  CA . ILE A 1 115 ? -6.393  -6.723  15.146  1.00 18.00 ? 438 ILE A CA 1 
ATOM   114 C  CA . ALA A 1 116 ? -3.202  -6.075  17.152  1.00 18.00 ? 439 ALA A CA 1 
ATOM   115 C  CA . PHE A 1 117 ? 0.246   -7.346  16.081  1.00 18.00 ? 440 PHE A CA 1 
ATOM   116 C  CA . ASP A 1 118 ? 1.233   -8.313  12.554  1.00 18.00 ? 441 ASP A CA 1 
ATOM   117 C  CA . THR A 1 119 ? 4.480   -10.160 12.089  1.00 18.00 ? 442 THR A CA 1 
ATOM   118 C  CA . MET A 1 120 ? 4.345   -8.902  8.507   1.00 18.00 ? 443 MET A CA 1 
ATOM   119 C  CA . LEU A 1 121 ? 4.393   -5.254  9.607   1.00 18.00 ? 444 LEU A CA 1 
ATOM   120 C  CA . GLU A 1 122 ? 6.133   -5.878  12.918  1.00 18.00 ? 445 GLU A CA 1 
ATOM   121 C  CA . SER A 1 123 ? 8.987   -7.103  10.713  1.00 18.00 ? 446 SER A CA 1 
ATOM   122 C  CA . TYR A 1 124 ? 8.744   -4.486  7.966   1.00 18.00 ? 447 TYR A CA 1 
ATOM   123 C  CA . ILE A 1 125 ? 8.861   -1.726  10.524  1.00 18.00 ? 448 ILE A CA 1 
ATOM   124 C  CA . LEU A 1 126 ? 11.852  -2.968  12.483  1.00 18.00 ? 449 LEU A CA 1 
ATOM   125 C  CA . ASN A 1 127 ? 14.126  -2.482  9.419   1.00 18.00 ? 450 ASN A CA 1 
ATOM   126 C  CA . SER A 1 128 ? 12.039  -2.644  6.237   1.00 18.00 ? 451 SER A CA 1 
ATOM   127 C  CA . VAL A 1 129 ? 14.954  -3.523  3.898   1.00 18.00 ? 452 VAL A CA 1 
ATOM   128 C  CA . ALA A 1 130 ? 16.337  -6.177  6.142   1.00 18.00 ? 453 ALA A CA 1 
ATOM   129 C  CA . GLY A 1 131 ? 14.960  -8.539  3.506   1.00 18.00 ? 454 GLY A CA 1 
ATOM   130 C  CA . ARG A 1 132 ? 11.648  -10.168 2.746   1.00 18.00 ? 455 ARG A CA 1 
ATOM   131 C  CA . HIS A 1 133 ? 8.762   -10.096 5.209   1.00 18.00 ? 456 HIS A CA 1 
ATOM   132 C  CA . ASP A 1 134 ? 6.847   -13.299 4.365   1.00 18.00 ? 457 ASP A CA 1 
ATOM   133 C  CA . MET A 1 135 ? 6.314   -15.837 7.150   1.00 18.00 ? 458 MET A CA 1 
ATOM   134 C  CA . ASP A 1 136 ? 8.737   -18.420 5.670   1.00 18.00 ? 459 ASP A CA 1 
ATOM   135 C  CA . SER A 1 137 ? 11.470  -15.782 5.015   1.00 18.00 ? 460 SER A CA 1 
ATOM   136 C  CA . LEU A 1 138 ? 10.976  -14.238 8.453   1.00 18.00 ? 461 LEU A CA 1 
ATOM   137 C  CA . ALA A 1 139 ? 10.697  -17.545 10.318  1.00 18.00 ? 462 ALA A CA 1 
ATOM   138 C  CA . GLU A 1 140 ? 14.169  -18.200 8.826   1.00 18.00 ? 463 GLU A CA 1 
ATOM   139 C  CA . ARG A 1 141 ? 15.910  -15.134 10.390  1.00 18.00 ? 464 ARG A CA 1 
ATOM   140 C  CA . TRP A 1 142 ? 14.824  -14.615 14.036  1.00 18.00 ? 465 TRP A CA 1 
ATOM   141 C  CA . LEU A 1 143 ? 13.684  -18.226 14.735  1.00 18.00 ? 466 LEU A CA 1 
ATOM   142 C  CA . LYS A 1 144 ? 15.760  -19.741 11.882  1.00 18.00 ? 467 LYS A CA 1 
ATOM   143 C  CA . HIS A 1 145 ? 13.184  -22.419 11.001  1.00 18.00 ? 468 HIS A CA 1 
ATOM   144 C  CA . LYS A 1 146 ? 12.407  -23.994 7.594   1.00 18.00 ? 469 LYS A CA 1 
ATOM   145 C  CA . THR A 1 147 ? 8.620   -23.590 7.729   1.00 18.00 ? 470 THR A CA 1 
ATOM   146 C  CA . ILE A 1 148 ? 7.050   -25.993 5.193   1.00 18.00 ? 471 ILE A CA 1 
ATOM   147 C  CA . THR A 1 149 ? 5.889   -24.178 2.004   1.00 18.00 ? 472 THR A CA 1 
ATOM   148 C  CA . PHE A 1 150 ? 2.326   -24.527 0.713   1.00 18.00 ? 473 PHE A CA 1 
ATOM   149 C  CA . GLU A 1 151 ? 3.949   -26.060 -2.347  1.00 18.00 ? 474 GLU A CA 1 
ATOM   150 C  CA . GLU A 1 152 ? 5.515   -28.740 -0.159  1.00 18.00 ? 475 GLU A CA 1 
ATOM   151 C  CA . ILE A 1 153 ? 1.996   -29.573 0.979   1.00 18.00 ? 476 ILE A CA 1 
ATOM   152 C  CA . ALA A 1 154 ? -0.111  -28.923 -2.132  1.00 18.00 ? 477 ALA A CA 1 
ATOM   153 C  CA . GLY A 1 155 ? 1.718   -29.126 -5.483  1.00 18.00 ? 478 GLY A CA 1 
ATOM   154 C  CA . LYS A 1 156 ? 3.308   -26.817 -8.046  1.00 18.00 ? 479 LYS A CA 1 
ATOM   155 C  CA . GLY A 1 157 ? 1.650   -26.542 -11.506 1.00 18.00 ? 480 GLY A CA 1 
ATOM   156 C  CA . LYS A 1 158 ? -1.554  -28.502 -11.154 1.00 18.00 ? 481 LYS A CA 1 
ATOM   157 C  CA . ASN A 1 159 ? -1.369  -27.926 -7.442  1.00 18.00 ? 482 ASN A CA 1 
ATOM   158 C  CA . GLN A 1 160 ? -3.946  -29.494 -5.136  1.00 18.00 ? 483 GLN A CA 1 
ATOM   159 C  CA . LEU A 1 161 ? -6.833  -27.552 -3.707  1.00 18.00 ? 484 LEU A CA 1 
ATOM   160 C  CA . THR A 1 162 ? -5.933  -24.505 -1.792  1.00 18.00 ? 485 THR A CA 1 
ATOM   161 C  CA . PHE A 1 163 ? -6.210  -26.575 1.215   1.00 18.00 ? 486 PHE A CA 1 
ATOM   162 C  CA . ASN A 1 164 ? -9.402  -28.627 0.809   1.00 18.00 ? 487 ASN A CA 1 
ATOM   163 C  CA . GLN A 1 165 ? -8.687  -31.946 -0.910  1.00 18.00 ? 488 GLN A CA 1 
ATOM   164 C  CA . ILE A 1 166 ? -5.339  -32.122 0.940   1.00 18.00 ? 489 ILE A CA 1 
ATOM   165 C  CA . ALA A 1 167 ? -5.639  -34.327 4.040   1.00 18.00 ? 490 ALA A CA 1 
ATOM   166 C  CA . LEU A 1 168 ? -6.617  -33.299 7.577   1.00 18.00 ? 491 LEU A CA 1 
ATOM   167 C  CA . GLU A 1 169 ? -3.196  -34.122 9.079   1.00 18.00 ? 492 GLU A CA 1 
ATOM   168 C  CA . GLU A 1 170 ? -1.034  -32.978 6.144   1.00 18.00 ? 493 GLU A CA 1 
ATOM   169 C  CA . ALA A 1 171 ? -3.265  -29.896 6.053   1.00 18.00 ? 494 ALA A CA 1 
ATOM   170 C  CA . GLY A 1 172 ? -2.981  -29.776 9.836   1.00 18.00 ? 495 GLY A CA 1 
ATOM   171 C  CA . ARG A 1 173 ? 0.822   -29.707 10.292  1.00 18.00 ? 496 ARG A CA 1 
ATOM   172 C  CA . TYR A 1 174 ? 0.844   -26.780 7.904   1.00 18.00 ? 497 TYR A CA 1 
ATOM   173 C  CA . ALA A 1 175 ? -2.057  -24.639 9.173   1.00 18.00 ? 498 ALA A CA 1 
ATOM   174 C  CA . ALA A 1 176 ? -0.964  -25.399 12.711  1.00 18.00 ? 499 ALA A CA 1 
ATOM   175 C  CA . GLU A 1 177 ? 2.719   -24.512 12.240  1.00 18.00 ? 500 GLU A CA 1 
ATOM   176 C  CA . ASP A 1 178 ? 2.280   -20.997 10.729  1.00 18.00 ? 501 ASP A CA 1 
ATOM   177 C  CA . ALA A 1 179 ? -0.329  -20.249 13.632  1.00 18.00 ? 502 ALA A CA 1 
ATOM   178 C  CA . ASP A 1 180 ? 2.666   -21.090 15.852  1.00 18.00 ? 503 ASP A CA 1 
ATOM   179 C  CA . VAL A 1 181 ? 5.595   -19.560 13.946  1.00 18.00 ? 504 VAL A CA 1 
ATOM   180 C  CA . THR A 1 182 ? 3.542   -16.382 13.712  1.00 18.00 ? 505 THR A CA 1 
ATOM   181 C  CA . LEU A 1 183 ? 3.501   -16.428 17.517  1.00 18.00 ? 506 LEU A CA 1 
ATOM   182 C  CA . GLN A 1 184 ? 7.246   -17.114 17.667  1.00 18.00 ? 507 GLN A CA 1 
ATOM   183 C  CA . LEU A 1 185 ? 8.061   -14.297 15.175  1.00 18.00 ? 508 LEU A CA 1 
ATOM   184 C  CA . HIS A 1 186 ? 5.885   -12.028 17.318  1.00 18.00 ? 509 HIS A CA 1 
ATOM   185 C  CA . LEU A 1 187 ? 7.466   -12.929 20.634  1.00 18.00 ? 510 LEU A CA 1 
ATOM   186 C  CA . LYS A 1 188 ? 10.973  -12.462 19.252  1.00 18.00 ? 511 LYS A CA 1 
ATOM   187 C  CA . MET A 1 189 ? 10.338  -9.205  17.295  1.00 18.00 ? 512 MET A CA 1 
ATOM   188 C  CA . TRP A 1 190 ? 8.114   -7.187  19.633  1.00 18.00 ? 513 TRP A CA 1 
ATOM   189 C  CA . PRO A 1 191 ? 9.963   -6.762  22.967  1.00 18.00 ? 514 PRO A CA 1 
ATOM   190 C  CA . ASP A 1 192 ? 12.633  -5.388  20.688  1.00 18.00 ? 515 ASP A CA 1 
ATOM   191 C  CA . LEU A 1 193 ? 10.212  -3.346  18.570  1.00 18.00 ? 516 LEU A CA 1 
ATOM   192 C  CA . GLN A 1 194 ? 8.921   -1.603  21.728  1.00 18.00 ? 517 GLN A CA 1 
ATOM   193 C  CA . LYS A 1 195 ? 12.348  -0.083  22.512  1.00 18.00 ? 518 LYS A CA 1 
ATOM   194 C  CA . HIS A 1 196 ? 12.779  2.423   19.650  1.00 18.00 ? 519 HIS A CA 1 
ATOM   195 C  CA . LYS A 1 197 ? 9.846   4.794   20.484  1.00 18.00 ? 520 LYS A CA 1 
ATOM   196 C  CA . GLY A 1 198 ? 9.383   5.947   16.863  1.00 18.00 ? 521 GLY A CA 1 
ATOM   197 C  CA . PRO A 1 199 ? 9.252   2.851   14.640  1.00 18.00 ? 522 PRO A CA 1 
ATOM   198 C  CA . LEU A 1 200 ? 6.798   1.924   17.375  1.00 18.00 ? 523 LEU A CA 1 
ATOM   199 C  CA . ASN A 1 201 ? 4.380   4.801   16.957  1.00 18.00 ? 524 ASN A CA 1 
ATOM   200 C  CA . VAL A 1 202 ? 4.252   4.146   13.244  1.00 18.00 ? 525 VAL A CA 1 
ATOM   201 C  CA . PHE A 1 203 ? 3.381   0.426   13.644  1.00 18.00 ? 526 PHE A CA 1 
ATOM   202 C  CA . GLU A 1 204 ? 0.959   1.123   16.468  1.00 18.00 ? 527 GLU A CA 1 
ATOM   203 C  CA . ASN A 1 205 ? -0.751  4.289   15.183  1.00 18.00 ? 528 ASN A CA 1 
ATOM   204 C  CA . ILE A 1 206 ? -0.194  3.881   11.391  1.00 18.00 ? 529 ILE A CA 1 
ATOM   205 C  CA . GLU A 1 207 ? 0.753   0.512   9.941   1.00 18.00 ? 530 GLU A CA 1 
ATOM   206 C  CA . MET A 1 208 ? -1.345  -1.423  12.479  1.00 18.00 ? 531 MET A CA 1 
ATOM   207 C  CA . PRO A 1 209 ? -4.720  0.228   12.122  1.00 18.00 ? 532 PRO A CA 1 
ATOM   208 C  CA . LEU A 1 210 ? -4.317  0.404   8.338   1.00 18.00 ? 533 LEU A CA 1 
ATOM   209 C  CA . VAL A 1 211 ? -4.940  -3.367  8.152   1.00 18.00 ? 534 VAL A CA 1 
ATOM   210 C  CA . PRO A 1 212 ? -8.711  -3.590  8.469   1.00 18.00 ? 535 PRO A CA 1 
ATOM   211 C  CA . VAL A 1 213 ? -8.953  -0.527  6.267   1.00 18.00 ? 536 VAL A CA 1 
ATOM   212 C  CA . LEU A 1 214 ? -6.472  -1.818  3.678   1.00 18.00 ? 537 LEU A CA 1 
ATOM   213 C  CA . SER A 1 215 ? -8.749  -4.883  3.347   1.00 18.00 ? 538 SER A CA 1 
ATOM   214 C  CA . ARG A 1 216 ? -11.983 -2.908  3.056   1.00 18.00 ? 539 ARG A CA 1 
ATOM   215 C  CA . ILE A 1 217 ? -10.501 -1.028  0.064   1.00 18.00 ? 540 ILE A CA 1 
ATOM   216 C  CA . GLU A 1 218 ? -9.339  -4.181  -1.683  1.00 18.00 ? 541 GLU A CA 1 
ATOM   217 C  CA . ARG A 1 219 ? -12.793 -5.613  -0.993  1.00 18.00 ? 542 ARG A CA 1 
ATOM   218 C  CA . ASN A 1 220 ? -14.935 -2.638  -2.151  1.00 18.00 ? 543 ASN A CA 1 
ATOM   219 C  CA . GLY A 1 221 ? -13.878 -2.499  -5.789  1.00 18.00 ? 544 GLY A CA 1 
ATOM   220 C  CA . VAL A 1 222 ? -13.534 -0.202  -8.781  1.00 18.00 ? 545 VAL A CA 1 
ATOM   221 C  CA . LYS A 1 223 ? -16.109 -0.342  -11.593 1.00 18.00 ? 546 LYS A CA 1 
ATOM   222 C  CA . ILE A 1 224 ? -14.092 -0.468  -14.817 1.00 18.00 ? 547 ILE A CA 1 
ATOM   223 C  CA . ASP A 1 225 ? -16.495 -0.390  -17.772 1.00 18.00 ? 548 ASP A CA 1 
ATOM   224 C  CA . PRO A 1 226 ? -15.315 -3.156  -20.068 1.00 18.00 ? 549 PRO A CA 1 
ATOM   225 C  CA . LYS A 1 227 ? -16.508 -1.304  -23.210 1.00 18.00 ? 550 LYS A CA 1 
ATOM   226 C  CA . VAL A 1 228 ? -14.816 2.094   -23.002 1.00 18.00 ? 551 VAL A CA 1 
ATOM   227 C  CA . LEU A 1 229 ? -11.800 -0.155  -22.482 1.00 18.00 ? 552 LEU A CA 1 
ATOM   228 C  CA . HIS A 1 230 ? -12.634 -2.445  -25.402 1.00 18.00 ? 553 HIS A CA 1 
ATOM   229 C  CA . ASN A 1 231 ? -13.043 0.176   -28.141 1.00 18.00 ? 554 ASN A CA 1 
ATOM   230 C  CA . HIS A 1 232 ? -9.987  2.047   -26.777 1.00 18.00 ? 555 HIS A CA 1 
ATOM   231 C  CA . SER A 1 233 ? -8.278  -1.293  -27.435 1.00 18.00 ? 556 SER A CA 1 
ATOM   232 C  CA . GLU A 1 234 ? -9.592  -1.596  -30.958 1.00 18.00 ? 557 GLU A CA 1 
ATOM   233 C  CA . GLU A 1 235 ? -8.719  2.038   -31.676 1.00 18.00 ? 558 GLU A CA 1 
ATOM   234 C  CA . LEU A 1 236 ? -5.142  1.661   -30.421 1.00 18.00 ? 559 LEU A CA 1 
ATOM   235 C  CA . THR A 1 237 ? -4.618  -1.118  -32.955 1.00 18.00 ? 560 THR A CA 1 
ATOM   236 C  CA . LEU A 1 238 ? -5.885  0.905   -35.931 1.00 18.00 ? 561 LEU A CA 1 
ATOM   237 C  CA . ARG A 1 239 ? -3.598  3.920   -35.328 1.00 18.00 ? 562 ARG A CA 1 
ATOM   238 C  CA . LEU A 1 240 ? -0.850  1.620   -34.080 1.00 18.00 ? 563 LEU A CA 1 
ATOM   239 C  CA . ALA A 1 241 ? -1.376  0.648   -37.690 1.00 18.00 ? 564 ALA A CA 1 
ATOM   240 C  CA . GLU A 1 242 ? -1.767  4.146   -39.234 1.00 18.00 ? 565 GLU A CA 1 
ATOM   241 C  CA . LEU A 1 243 ? 1.435   5.137   -37.452 1.00 18.00 ? 566 LEU A CA 1 
ATOM   242 C  CA . GLU A 1 244 ? 3.155   2.045   -38.889 1.00 18.00 ? 567 GLU A CA 1 
ATOM   243 C  CA . LYS A 1 245 ? 2.677   3.150   -42.459 1.00 18.00 ? 568 LYS A CA 1 
ATOM   244 C  CA . LYS A 1 246 ? 2.772   6.802   -41.465 1.00 18.00 ? 569 LYS A CA 1 
ATOM   245 C  CA . ALA A 1 247 ? 6.225   5.803   -40.273 1.00 18.00 ? 570 ALA A CA 1 
ATOM   246 C  CA . HIS A 1 248 ? 7.730   4.310   -43.450 1.00 18.00 ? 571 HIS A CA 1 
ATOM   247 C  CA . GLU A 1 249 ? 7.038   7.072   -45.974 1.00 18.00 ? 572 GLU A CA 1 
ATOM   248 C  CA . ILE A 1 250 ? 8.836   9.443   -43.597 1.00 18.00 ? 573 ILE A CA 1 
ATOM   249 C  CA . LEU A 1 300 ? 9.703   13.436  -39.171 1.00 18.00 ? 623 LEU A CA 1 
ATOM   250 C  CA . PRO A 1 301 ? 10.364  9.780   -38.328 1.00 18.00 ? 624 PRO A CA 1 
ATOM   251 C  CA . LYS A 1 302 ? 10.168  10.285  -34.584 1.00 18.00 ? 625 LYS A CA 1 
ATOM   252 C  CA . VAL A 1 303 ? 6.796   8.739   -35.053 1.00 18.00 ? 626 VAL A CA 1 
ATOM   253 C  CA . ILE A 1 304 ? 8.462   5.562   -33.797 1.00 18.00 ? 627 ILE A CA 1 
ATOM   254 C  CA . LEU A 1 305 ? 8.015   6.960   -30.312 1.00 18.00 ? 628 LEU A CA 1 
ATOM   255 C  CA . GLU A 1 306 ? 4.294   7.606   -30.086 1.00 18.00 ? 629 GLU A CA 1 
ATOM   256 C  CA . TYR A 1 307 ? 4.168   4.199   -31.643 1.00 18.00 ? 630 TYR A CA 1 
ATOM   257 C  CA . ARG A 1 308 ? 6.508   2.952   -28.948 1.00 18.00 ? 631 ARG A CA 1 
ATOM   258 C  CA . GLY A 1 309 ? 4.062   4.325   -26.385 1.00 18.00 ? 632 GLY A CA 1 
ATOM   259 C  CA . LEU A 1 310 ? 0.553   3.687   -27.686 1.00 18.00 ? 633 LEU A CA 1 
ATOM   260 C  CA . ALA A 1 311 ? 1.356   -0.038  -27.767 1.00 18.00 ? 634 ALA A CA 1 
ATOM   261 C  CA . LYS A 1 312 ? 2.532   -0.715  -24.196 1.00 18.00 ? 635 LYS A CA 1 
ATOM   262 C  CA . LEU A 1 313 ? -0.616  1.088   -22.921 1.00 18.00 ? 636 LEU A CA 1 
ATOM   263 C  CA . LYS A 1 314 ? -2.571  -1.323  -25.106 1.00 18.00 ? 637 LYS A CA 1 
ATOM   264 C  CA . SER A 1 315 ? -0.377  -4.100  -23.808 1.00 18.00 ? 638 SER A CA 1 
ATOM   265 C  CA . THR A 1 316 ? -0.046  -2.873  -20.245 1.00 18.00 ? 639 THR A CA 1 
ATOM   266 C  CA . TYR A 1 317 ? -3.564  -1.716  -19.352 1.00 18.00 ? 640 TYR A CA 1 
ATOM   267 C  CA . THR A 1 318 ? -6.164  -1.790  -22.125 1.00 18.00 ? 641 THR A CA 1 
ATOM   268 C  CA . ASP A 1 319 ? -6.185  -5.533  -22.756 1.00 18.00 ? 642 ASP A CA 1 
ATOM   269 C  CA . LYS A 1 320 ? -5.321  -6.810  -19.245 1.00 18.00 ? 643 LYS A CA 1 
ATOM   270 C  CA . LEU A 1 321 ? -7.397  -4.397  -17.181 1.00 18.00 ? 644 LEU A CA 1 
ATOM   271 C  CA . PRO A 1 322 ? -10.611 -5.883  -18.523 1.00 18.00 ? 645 PRO A CA 1 
ATOM   272 C  CA . LEU A 1 323 ? -9.608  -9.503  -17.931 1.00 18.00 ? 646 LEU A CA 1 
ATOM   273 C  CA . MET A 1 324 ? -9.417  -8.735  -14.184 1.00 18.00 ? 647 MET A CA 1 
ATOM   274 C  CA . ILE A 1 325 ? -13.087 -8.110  -13.704 1.00 18.00 ? 648 ILE A CA 1 
ATOM   275 C  CA . ASN A 1 326 ? -14.086 -10.332 -10.763 1.00 18.00 ? 649 ASN A CA 1 
ATOM   276 C  CA . PRO A 1 327 ? -17.172 -12.439 -11.489 1.00 18.00 ? 650 PRO A CA 1 
ATOM   277 C  CA . LYS A 1 328 ? -18.650 -12.563 -7.998  1.00 18.00 ? 651 LYS A CA 1 
ATOM   278 C  CA . THR A 1 329 ? -18.695 -8.808  -7.529  1.00 18.00 ? 652 THR A CA 1 
ATOM   279 C  CA . GLY A 1 330 ? -18.466 -6.944  -10.834 1.00 18.00 ? 653 GLY A CA 1 
ATOM   280 C  CA . ARG A 1 331 ? -15.403 -4.698  -10.362 1.00 18.00 ? 654 ARG A CA 1 
ATOM   281 C  CA . VAL A 1 332 ? -11.623 -5.116  -10.072 1.00 18.00 ? 655 VAL A CA 1 
ATOM   282 C  CA . HIS A 1 333 ? -9.840  -5.085  -6.688  1.00 18.00 ? 656 HIS A CA 1 
ATOM   283 C  CA . THR A 1 334 ? -6.132  -4.262  -6.834  1.00 18.00 ? 657 THR A CA 1 
ATOM   284 C  CA . SER A 1 335 ? -3.841  -5.883  -4.267  1.00 18.00 ? 658 SER A CA 1 
ATOM   285 C  CA . TYR A 1 336 ? -2.109  -3.377  -1.990  1.00 18.00 ? 659 TYR A CA 1 
ATOM   286 C  CA . HIS A 1 337 ? 1.130   -4.673  -0.430  1.00 18.00 ? 660 HIS A CA 1 
ATOM   287 C  CA . GLN A 1 338 ? 2.217   -3.393  3.010   1.00 18.00 ? 661 GLN A CA 1 
ATOM   288 C  CA . ALA A 1 339 ? 5.873   -4.524  3.337   1.00 18.00 ? 662 ALA A CA 1 
ATOM   289 C  CA . VAL A 1 340 ? 7.601   -4.249  -0.046  1.00 18.00 ? 663 VAL A CA 1 
ATOM   290 C  CA . THR A 1 341 ? 8.776   -0.660  -0.615  1.00 18.00 ? 664 THR A CA 1 
ATOM   291 C  CA . ALA A 1 342 ? 11.698  0.828   1.270   1.00 18.00 ? 665 ALA A CA 1 
ATOM   292 C  CA . THR A 1 343 ? 10.001  4.147   1.975   1.00 18.00 ? 666 THR A CA 1 
ATOM   293 C  CA . GLY A 1 344 ? 6.458   3.174   3.148   1.00 18.00 ? 667 GLY A CA 1 
ATOM   294 C  CA . ARG A 1 345 ? 4.247   4.298   0.239   1.00 18.00 ? 668 ARG A CA 1 
ATOM   295 C  CA . LEU A 1 346 ? 1.901   1.353   -0.493  1.00 18.00 ? 669 LEU A CA 1 
ATOM   296 C  CA . SER A 1 347 ? 2.513   -0.618  -3.669  1.00 18.00 ? 670 SER A CA 1 
ATOM   297 C  CA . SER A 1 348 ? -0.373  -1.512  -5.929  1.00 18.00 ? 671 SER A CA 1 
ATOM   298 C  CA . THR A 1 349 ? 0.136   -4.841  -7.692  1.00 18.00 ? 672 THR A CA 1 
ATOM   299 C  CA . ASP A 1 350 ? -1.707  -6.776  -10.384 1.00 18.00 ? 673 ASP A CA 1 
ATOM   300 C  CA . PRO A 1 351 ? -3.816  -3.923  -11.711 1.00 18.00 ? 674 PRO A CA 1 
ATOM   301 C  CA . ASN A 1 352 ? -0.977  -1.726  -10.413 1.00 18.00 ? 675 ASN A CA 1 
ATOM   302 C  CA . LEU A 1 353 ? -2.665  1.679   -10.471 1.00 18.00 ? 676 LEU A CA 1 
ATOM   303 C  CA . GLN A 1 354 ? 0.735   3.181   -9.676  1.00 18.00 ? 677 GLN A CA 1 
ATOM   304 C  CA . ASN A 1 355 ? 2.113   5.671   -12.165 1.00 18.00 ? 678 ASN A CA 1 
ATOM   305 C  CA . ILE A 1 356 ? 1.849   3.060   -14.832 1.00 18.00 ? 679 ILE A CA 1 
ATOM   306 C  CA . PRO A 1 357 ? -1.198  4.339   -16.723 1.00 18.00 ? 680 PRO A CA 1 
ATOM   307 C  CA . VAL A 1 358 ? 0.115   7.805   -17.460 1.00 18.00 ? 681 VAL A CA 1 
ATOM   308 C  CA . ARG A 1 359 ? -0.474  11.525  -16.963 1.00 18.00 ? 682 ARG A CA 1 
ATOM   309 C  CA . ASN A 1 360 ? -0.810  12.276  -20.647 1.00 18.00 ? 683 ASN A CA 1 
ATOM   310 C  CA . GLU A 1 361 ? -4.065  11.526  -22.454 1.00 18.00 ? 684 GLU A CA 1 
ATOM   311 C  CA . GLU A 1 362 ? -4.156  7.856   -23.450 1.00 18.00 ? 685 GLU A CA 1 
ATOM   312 C  CA . GLY A 1 363 ? -3.861  7.809   -19.671 1.00 18.00 ? 686 GLY A CA 1 
ATOM   313 C  CA . ARG A 1 364 ? -6.694  10.328  -19.592 1.00 18.00 ? 687 ARG A CA 1 
ATOM   314 C  CA . ARG A 1 365 ? -8.411  7.748   -21.729 1.00 18.00 ? 688 ARG A CA 1 
ATOM   315 C  CA . ILE A 1 366 ? -7.822  4.706   -19.502 1.00 18.00 ? 689 ILE A CA 1 
ATOM   316 C  CA . ARG A 1 367 ? -8.628  6.591   -16.318 1.00 18.00 ? 690 ARG A CA 1 
ATOM   317 C  CA . GLN A 1 368 ? -11.980 7.239   -18.016 1.00 18.00 ? 691 GLN A CA 1 
ATOM   318 C  CA . ALA A 1 369 ? -13.230 3.646   -17.760 1.00 18.00 ? 692 ALA A CA 1 
ATOM   319 C  CA . PHE A 1 370 ? -12.920 3.684   -13.978 1.00 18.00 ? 693 PHE A CA 1 
ATOM   320 C  CA . ILE A 1 371 ? -16.519 4.649   -13.968 1.00 18.00 ? 694 ILE A CA 1 
ATOM   321 C  CA . ALA A 1 372 ? -18.245 5.720   -10.779 1.00 18.00 ? 695 ALA A CA 1 
ATOM   322 C  CA . PRO A 1 373 ? -21.196 3.343   -10.524 1.00 18.00 ? 696 PRO A CA 1 
ATOM   323 C  CA . GLU A 1 374 ? -24.562 5.028   -10.958 1.00 18.00 ? 697 GLU A CA 1 
ATOM   324 C  CA . ASP A 1 375 ? -26.366 7.709   -8.961  1.00 18.00 ? 698 ASP A CA 1 
ATOM   325 C  CA . TYR A 1 376 ? -22.903 7.829   -7.374  1.00 18.00 ? 699 TYR A CA 1 
ATOM   326 C  CA . VAL A 1 377 ? -20.178 10.058  -8.812  1.00 18.00 ? 700 VAL A CA 1 
ATOM   327 C  CA . ILE A 1 378 ? -16.442 9.667   -8.157  1.00 18.00 ? 701 ILE A CA 1 
ATOM   328 C  CA . VAL A 1 379 ? -14.371 12.006  -5.953  1.00 18.00 ? 702 VAL A CA 1 
ATOM   329 C  CA . SER A 1 380 ? -10.628 12.743  -6.103  1.00 18.00 ? 703 SER A CA 1 
ATOM   330 C  CA . ALA A 1 381 ? -8.950  13.830  -2.935  1.00 18.00 ? 704 ALA A CA 1 
ATOM   331 C  CA . ASP A 1 382 ? -5.316  14.498  -3.694  1.00 18.00 ? 705 ASP A CA 1 
ATOM   332 C  CA . TYR A 1 383 ? -2.778  16.227  -1.546  1.00 18.00 ? 706 TYR A CA 1 
ATOM   333 C  CA . SER A 1 384 ? -1.106  19.508  -2.299  1.00 18.00 ? 707 SER A CA 1 
ATOM   334 C  CA . GLN A 1 385 ? 0.228   21.378  -5.206  1.00 18.00 ? 708 GLN A CA 1 
ATOM   335 C  CA . ILE A 1 386 ? 3.223   19.066  -4.742  1.00 18.00 ? 709 ILE A CA 1 
ATOM   336 C  CA . GLU A 1 387 ? 4.371   17.084  -1.650  1.00 18.00 ? 710 GLU A CA 1 
ATOM   337 C  CA . LEU A 1 388 ? 7.569   19.002  -1.272  1.00 18.00 ? 711 LEU A CA 1 
ATOM   338 C  CA . ARG A 1 389 ? 5.282   20.998  0.978   1.00 18.00 ? 712 ARG A CA 1 
ATOM   339 C  CA . ILE A 1 390 ? 7.384   18.737  3.135   1.00 18.00 ? 713 ILE A CA 1 
ATOM   340 C  CA . MET A 1 391 ? 10.829  19.767  1.865   1.00 18.00 ? 714 MET A CA 1 
ATOM   341 C  CA . ALA A 1 392 ? 9.846   23.309  2.914   1.00 18.00 ? 715 ALA A CA 1 
ATOM   342 C  CA . HIS A 1 393 ? 9.471   22.101  6.526   1.00 18.00 ? 716 HIS A CA 1 
ATOM   343 C  CA . LEU A 1 394 ? 12.202  19.441  6.408   1.00 18.00 ? 717 LEU A CA 1 
ATOM   344 C  CA . SER A 1 395 ? 14.134  22.489  5.241   1.00 18.00 ? 718 SER A CA 1 
ATOM   345 C  CA . ARG A 1 396 ? 12.473  25.014  7.574   1.00 18.00 ? 719 ARG A CA 1 
ATOM   346 C  CA . ASP A 1 397 ? 13.206  27.661  4.883   1.00 18.00 ? 720 ASP A CA 1 
ATOM   347 C  CA . LYS A 1 398 ? 11.243  30.921  4.958   1.00 18.00 ? 721 LYS A CA 1 
ATOM   348 C  CA . GLY A 1 399 ? 11.289  30.941  1.182   1.00 18.00 ? 722 GLY A CA 1 
ATOM   349 C  CA . LEU A 1 400 ? 9.641   27.549  0.724   1.00 18.00 ? 723 LEU A CA 1 
ATOM   350 C  CA . LEU A 1 401 ? 7.455   27.601  3.868   1.00 18.00 ? 724 LEU A CA 1 
ATOM   351 C  CA . THR A 1 402 ? 6.231   31.034  2.701   1.00 18.00 ? 725 THR A CA 1 
ATOM   352 C  CA . ALA A 1 403 ? 5.179   30.727  -0.931  1.00 18.00 ? 726 ALA A CA 1 
ATOM   353 C  CA . PHE A 1 404 ? 2.865   27.846  -0.037  1.00 18.00 ? 727 PHE A CA 1 
ATOM   354 C  CA . ALA A 1 405 ? 1.646   30.309  2.561   1.00 18.00 ? 728 ALA A CA 1 
ATOM   355 C  CA . GLU A 1 406 ? 1.091   33.093  0.038   1.00 18.00 ? 729 GLU A CA 1 
ATOM   356 C  CA . GLY A 1 407 ? -0.216  31.537  -3.143  1.00 18.00 ? 730 GLY A CA 1 
ATOM   357 C  CA . LYS A 1 408 ? 0.823   29.932  -6.389  1.00 18.00 ? 731 LYS A CA 1 
ATOM   358 C  CA . ASP A 1 409 ? 3.564   28.083  -8.078  1.00 18.00 ? 732 ASP A CA 1 
ATOM   359 C  CA . ILE A 1 410 ? 6.424   27.440  -5.692  1.00 18.00 ? 733 ILE A CA 1 
ATOM   360 C  CA . HIS A 1 411 ? 7.772   27.067  -9.256  1.00 18.00 ? 734 HIS A CA 1 
ATOM   361 C  CA . ARG A 1 412 ? 6.738   30.544  -10.397 1.00 18.00 ? 735 ARG A CA 1 
ATOM   362 C  CA . ALA A 1 413 ? 7.560   31.671  -6.873  1.00 18.00 ? 736 ALA A CA 1 
ATOM   363 C  CA . THR A 1 414 ? 10.891  29.900  -6.899  1.00 18.00 ? 737 THR A CA 1 
ATOM   364 C  CA . ALA A 1 415 ? 11.274  31.371  -10.365 1.00 18.00 ? 738 ALA A CA 1 
ATOM   365 C  CA . ALA A 1 416 ? 11.064  34.959  -9.116  1.00 18.00 ? 739 ALA A CA 1 
ATOM   366 C  CA . GLU A 1 417 ? 13.656  34.521  -6.389  1.00 18.00 ? 740 GLU A CA 1 
ATOM   367 C  CA . VAL A 1 418 ? 15.957  31.930  -8.052  1.00 18.00 ? 741 VAL A CA 1 
ATOM   368 C  CA . PHE A 1 419 ? 16.300  33.350  -11.591 1.00 18.00 ? 742 PHE A CA 1 
ATOM   369 C  CA . GLY A 1 420 ? 15.842  36.896  -10.242 1.00 18.00 ? 743 GLY A CA 1 
ATOM   370 C  CA . LEU A 1 421 ? 12.639  38.557  -11.405 1.00 18.00 ? 744 LEU A CA 1 
ATOM   371 C  CA . PRO A 1 422 ? 9.155   39.699  -10.392 1.00 18.00 ? 745 PRO A CA 1 
ATOM   372 C  CA . LEU A 1 423 ? 6.301   37.168  -10.760 1.00 18.00 ? 746 LEU A CA 1 
ATOM   373 C  CA . GLU A 1 424 ? 3.381   38.052  -13.033 1.00 18.00 ? 747 GLU A CA 1 
ATOM   374 C  CA . THR A 1 425 ? 5.955   37.761  -15.770 1.00 18.00 ? 748 THR A CA 1 
ATOM   375 C  CA . VAL A 1 426 ? 8.295   34.719  -15.802 1.00 18.00 ? 749 VAL A CA 1 
ATOM   376 C  CA . THR A 1 427 ? 9.273   33.300  -19.263 1.00 18.00 ? 750 THR A CA 1 
ATOM   377 C  CA . SER A 1 428 ? 7.468   30.608  -17.355 1.00 18.00 ? 751 SER A CA 1 
ATOM   378 C  CA . GLU A 1 429 ? 6.540   28.745  -20.477 1.00 18.00 ? 752 GLU A CA 1 
ATOM   379 C  CA . GLN A 1 430 ? 10.255  28.519  -19.815 1.00 18.00 ? 753 GLN A CA 1 
ATOM   380 C  CA . ARG A 1 431 ? 11.542  30.298  -16.700 1.00 18.00 ? 754 ARG A CA 1 
ATOM   381 C  CA . ARG A 1 432 ? 9.169   28.079  -14.693 1.00 18.00 ? 755 ARG A CA 1 
ATOM   382 C  CA . SER A 1 433 ? 10.074  24.621  -16.002 1.00 18.00 ? 756 SER A CA 1 
ATOM   383 C  CA . ALA A 1 434 ? 13.706  25.467  -15.234 1.00 18.00 ? 757 ALA A CA 1 
ATOM   384 C  CA . LYS A 1 435 ? 13.073  25.857  -11.494 1.00 18.00 ? 758 LYS A CA 1 
ATOM   385 C  CA . ALA A 1 436 ? 10.368  23.175  -11.701 1.00 18.00 ? 759 ALA A CA 1 
ATOM   386 C  CA . ILE A 1 437 ? 13.024  20.590  -12.483 1.00 18.00 ? 760 ILE A CA 1 
ATOM   387 C  CA . ASN A 1 438 ? 15.862  22.072  -10.443 1.00 18.00 ? 761 ASN A CA 1 
ATOM   388 C  CA . PHE A 1 439 ? 13.181  21.735  -7.759  1.00 18.00 ? 762 PHE A CA 1 
ATOM   389 C  CA . GLY A 1 440 ? 13.208  17.943  -8.372  1.00 18.00 ? 763 GLY A CA 1 
ATOM   390 C  CA . LEU A 1 441 ? 15.873  18.512  -5.742  1.00 18.00 ? 764 LEU A CA 1 
ATOM   391 C  CA . ILE A 1 442 ? 14.088  16.232  -3.300  1.00 18.00 ? 765 ILE A CA 1 
ATOM   392 C  CA . TYR A 1 443 ? 15.078  13.369  -5.513  1.00 18.00 ? 766 TYR A CA 1 
ATOM   393 C  CA . GLY A 1 444 ? 18.851  13.474  -5.059  1.00 18.00 ? 767 GLY A CA 1 
ATOM   394 C  CA . MET A 1 445 ? 19.989  15.909  -7.766  1.00 18.00 ? 768 MET A CA 1 
ATOM   395 C  CA . SER A 1 446 ? 23.641  16.152  -8.636  1.00 18.00 ? 769 SER A CA 1 
ATOM   396 C  CA . ALA A 1 447 ? 23.580  19.172  -10.932 1.00 18.00 ? 770 ALA A CA 1 
ATOM   397 C  CA . PHE A 1 448 ? 20.165  19.320  -12.625 1.00 18.00 ? 771 PHE A CA 1 
ATOM   398 C  CA . GLY A 1 449 ? 19.412  17.227  -15.698 1.00 18.00 ? 772 GLY A CA 1 
ATOM   399 C  CA . LEU A 1 450 ? 16.057  15.717  -14.847 1.00 18.00 ? 773 LEU A CA 1 
ATOM   400 C  CA . ALA A 1 451 ? 15.228  17.930  -17.769 1.00 18.00 ? 774 ALA A CA 1 
ATOM   401 C  CA . ARG A 1 452 ? 17.571  20.691  -18.885 1.00 18.00 ? 775 ARG A CA 1 
ATOM   402 C  CA . GLN A 1 453 ? 20.873  20.164  -20.664 1.00 18.00 ? 776 GLN A CA 1 
ATOM   403 C  CA . LEU A 1 454 ? 22.587  23.517  -20.986 1.00 18.00 ? 777 LEU A CA 1 
ATOM   404 C  CA . ASN A 1 455 ? 25.461  23.716  -18.537 1.00 18.00 ? 778 ASN A CA 1 
ATOM   405 C  CA . ILE A 1 456 ? 26.470  23.033  -14.975 1.00 18.00 ? 779 ILE A CA 1 
ATOM   406 C  CA . MET A 1 465 ? 25.481  23.582  -10.868 1.00 18.00 ? 788 MET A CA 1 
ATOM   407 C  CA . ASP A 1 466 ? 22.777  25.799  -12.384 1.00 18.00 ? 789 ASP A CA 1 
ATOM   408 C  CA . LEU A 1 467 ? 20.511  28.329  -10.649 1.00 18.00 ? 790 LEU A CA 1 
ATOM   409 C  CA . TYR A 1 468 ? 21.082  28.475  -6.940  1.00 18.00 ? 791 TYR A CA 1 
ATOM   410 C  CA . PHE A 1 469 ? 20.138  28.510  -3.364  1.00 18.00 ? 792 PHE A CA 1 
ATOM   411 C  CA . GLU A 1 470 ? 21.007  31.815  -1.721  1.00 18.00 ? 793 GLU A CA 1 
ATOM   412 C  CA . ARG A 1 471 ? 17.512  31.096  -0.505  1.00 18.00 ? 794 ARG A CA 1 
ATOM   413 C  CA . TYR A 1 472 ? 14.717  28.841  -1.634  1.00 18.00 ? 795 TYR A CA 1 
ATOM   414 C  CA . PRO A 1 473 ? 15.268  25.147  -2.487  1.00 18.00 ? 796 PRO A CA 1 
ATOM   415 C  CA . GLY A 1 474 ? 15.810  23.979  1.108   1.00 18.00 ? 797 GLY A CA 1 
ATOM   416 C  CA . VAL A 1 475 ? 19.064  25.310  2.380   1.00 18.00 ? 798 VAL A CA 1 
ATOM   417 C  CA . LEU A 1 476 ? 20.949  22.137  1.543   1.00 18.00 ? 799 LEU A CA 1 
ATOM   418 C  CA . GLU A 1 477 ? 21.371  22.090  5.345   1.00 18.00 ? 800 GLU A CA 1 
ATOM   419 C  CA . TYR A 1 478 ? 18.533  19.623  5.522   1.00 18.00 ? 801 TYR A CA 1 
ATOM   420 C  CA . MET A 1 479 ? 20.395  17.554  2.961   1.00 18.00 ? 802 MET A CA 1 
ATOM   421 C  CA . GLU A 1 480 ? 23.671  17.966  4.780   1.00 18.00 ? 803 GLU A CA 1 
ATOM   422 C  CA . ARG A 1 481 ? 22.161  17.600  8.225   1.00 18.00 ? 804 ARG A CA 1 
ATOM   423 C  CA . THR A 1 482 ? 20.312  14.631  6.696   1.00 18.00 ? 805 THR A CA 1 
ATOM   424 C  CA . ARG A 1 483 ? 23.498  13.240  5.204   1.00 18.00 ? 806 ARG A CA 1 
ATOM   425 C  CA . ALA A 1 484 ? 25.633  13.236  8.338   1.00 18.00 ? 807 ALA A CA 1 
ATOM   426 C  CA . GLN A 1 485 ? 22.698  11.594  10.088  1.00 18.00 ? 808 GLN A CA 1 
ATOM   427 C  CA . ALA A 1 486 ? 22.706  8.716   7.588   1.00 18.00 ? 809 ALA A CA 1 
ATOM   428 C  CA . LYS A 1 487 ? 26.456  8.725   8.371   1.00 18.00 ? 810 LYS A CA 1 
ATOM   429 C  CA . GLU A 1 488 ? 26.270  8.159   12.134  1.00 18.00 ? 811 GLU A CA 1 
ATOM   430 C  CA . GLN A 1 489 ? 22.770  7.110   13.092  1.00 18.00 ? 812 GLN A CA 1 
ATOM   431 C  CA . GLY A 1 490 ? 22.916  4.637   10.216  1.00 18.00 ? 813 GLY A CA 1 
ATOM   432 C  CA . TYR A 1 491 ? 19.505  5.518   8.874   1.00 18.00 ? 814 TYR A CA 1 
ATOM   433 C  CA . VAL A 1 492 ? 17.306  8.520   8.062   1.00 18.00 ? 815 VAL A CA 1 
ATOM   434 C  CA . GLU A 1 493 ? 13.736  8.703   9.461   1.00 18.00 ? 816 GLU A CA 1 
ATOM   435 C  CA . THR A 1 494 ? 10.392  10.336  8.731   1.00 18.00 ? 817 THR A CA 1 
ATOM   436 C  CA . LEU A 1 495 ? 8.482   12.898  10.833  1.00 18.00 ? 818 LEU A CA 1 
ATOM   437 C  CA . ASP A 1 496 ? 6.516   10.247  12.732  1.00 18.00 ? 819 ASP A CA 1 
ATOM   438 C  CA . GLY A 1 497 ? 9.522   7.910   13.109  1.00 18.00 ? 820 GLY A CA 1 
ATOM   439 C  CA . ARG A 1 498 ? 9.303   5.441   10.207  1.00 18.00 ? 821 ARG A CA 1 
ATOM   440 C  CA . ARG A 1 499 ? 12.687  3.712   10.256  1.00 18.00 ? 822 ARG A CA 1 
ATOM   441 C  CA . LEU A 1 500 ? 14.345  3.682   6.809   1.00 18.00 ? 823 LEU A CA 1 
ATOM   442 C  CA . TYR A 1 501 ? 17.791  2.153   7.302   1.00 18.00 ? 824 TYR A CA 1 
ATOM   443 C  CA . LEU A 1 502 ? 20.815  2.334   5.032   1.00 18.00 ? 825 LEU A CA 1 
ATOM   444 C  CA . PRO A 1 503 ? 23.985  0.249   4.861   1.00 18.00 ? 826 PRO A CA 1 
ATOM   445 C  CA . ASP A 1 504 ? 26.162  1.147   1.827   1.00 18.00 ? 827 ASP A CA 1 
ATOM   446 C  CA . ILE A 1 505 ? 26.303  4.692   3.340   1.00 18.00 ? 828 ILE A CA 1 
ATOM   447 C  CA . LYS A 1 506 ? 29.500  4.727   5.365   1.00 18.00 ? 829 LYS A CA 1 
ATOM   448 C  CA . SER A 1 507 ? 30.069  1.858   3.003   1.00 18.00 ? 830 SER A CA 1 
ATOM   449 C  CA . SER A 1 508 ? 31.535  2.803   -0.305  1.00 18.00 ? 831 SER A CA 1 
ATOM   450 C  CA . ASN A 1 509 ? 34.634  0.586   -0.441  1.00 18.00 ? 832 ASN A CA 1 
ATOM   451 C  CA . GLY A 1 510 ? 33.504  1.474   -3.920  1.00 18.00 ? 833 GLY A CA 1 
ATOM   452 C  CA . ALA A 1 511 ? 30.358  -0.312  -5.070  1.00 18.00 ? 834 ALA A CA 1 
ATOM   453 C  CA . ARG A 1 512 ? 31.362  2.112   -7.801  1.00 18.00 ? 835 ARG A CA 1 
ATOM   454 C  CA . ARG A 1 513 ? 29.539  5.090   -6.327  1.00 18.00 ? 836 ARG A CA 1 
ATOM   455 C  CA . ALA A 1 514 ? 26.695  2.723   -5.490  1.00 18.00 ? 837 ALA A CA 1 
ATOM   456 C  CA . ALA A 1 515 ? 25.638  5.967   -3.789  1.00 18.00 ? 838 ALA A CA 1 
ATOM   457 C  CA . ALA A 1 516 ? 22.620  5.649   -1.496  1.00 18.00 ? 839 ALA A CA 1 
ATOM   458 C  CA . GLU A 1 517 ? 22.968  9.247   -0.238  1.00 18.00 ? 840 GLU A CA 1 
ATOM   459 C  CA . ARG A 1 518 ? 20.187  9.952   -2.764  1.00 18.00 ? 841 ARG A CA 1 
ATOM   460 C  CA . ALA A 1 519 ? 17.933  7.800   -0.618  1.00 18.00 ? 842 ALA A CA 1 
ATOM   461 C  CA . ALA A 1 520 ? 19.247  9.776   2.328   1.00 18.00 ? 843 ALA A CA 1 
ATOM   462 C  CA . ILE A 1 521 ? 17.475  13.039  1.724   1.00 18.00 ? 844 ILE A CA 1 
ATOM   463 C  CA . ASN A 1 522 ? 14.575  11.550  -0.268  1.00 18.00 ? 845 ASN A CA 1 
ATOM   464 C  CA . ALA A 1 523 ? 13.335  8.855   2.106   1.00 18.00 ? 846 ALA A CA 1 
ATOM   465 C  CA . PRO A 1 524 ? 12.646  11.366  4.900   1.00 18.00 ? 847 PRO A CA 1 
ATOM   466 C  CA . MET A 1 525 ? 10.514  13.004  2.200   1.00 18.00 ? 848 MET A CA 1 
ATOM   467 C  CA . GLN A 1 526 ? 8.934   10.110  0.306   1.00 18.00 ? 849 GLN A CA 1 
ATOM   468 C  CA . GLY A 1 527 ? 8.593   8.392   3.680   1.00 18.00 ? 850 GLY A CA 1 
ATOM   469 C  CA . THR A 1 528 ? 6.716   11.302  5.283   1.00 18.00 ? 851 THR A CA 1 
ATOM   470 C  CA . ALA A 1 529 ? 4.306   11.813  2.385   1.00 18.00 ? 852 ALA A CA 1 
ATOM   471 C  CA . ALA A 1 530 ? 3.415   8.175   3.086   1.00 18.00 ? 853 ALA A CA 1 
ATOM   472 C  CA . ASP A 1 531 ? 2.650   8.425   6.824   1.00 18.00 ? 854 ASP A CA 1 
ATOM   473 C  CA . ILE A 1 532 ? 0.398   11.413  6.111   1.00 18.00 ? 855 ILE A CA 1 
ATOM   474 C  CA . ILE A 1 533 ? -1.408  9.436   3.393   1.00 18.00 ? 856 ILE A CA 1 
ATOM   475 C  CA . LYS A 1 534 ? -1.869  6.375   5.615   1.00 18.00 ? 857 LYS A CA 1 
ATOM   476 C  CA . ARG A 1 535 ? -3.034  8.410   8.603   1.00 18.00 ? 858 ARG A CA 1 
ATOM   477 C  CA . ALA A 1 536 ? -5.157  10.238  6.017   1.00 18.00 ? 859 ALA A CA 1 
ATOM   478 C  CA . MET A 1 537 ? -6.769  6.880   5.229   1.00 18.00 ? 860 MET A CA 1 
ATOM   479 C  CA . ILE A 1 538 ? -7.287  5.747   8.846   1.00 18.00 ? 861 ILE A CA 1 
ATOM   480 C  CA . ALA A 1 539 ? -8.411  9.307   9.526   1.00 18.00 ? 862 ALA A CA 1 
ATOM   481 C  CA . VAL A 1 540 ? -11.405 9.188   7.166   1.00 18.00 ? 863 VAL A CA 1 
ATOM   482 C  CA . ASP A 1 541 ? -12.156 5.432   7.368   1.00 18.00 ? 864 ASP A CA 1 
ATOM   483 C  CA . ALA A 1 542 ? -12.873 5.586   11.092  1.00 18.00 ? 865 ALA A CA 1 
ATOM   484 C  CA . TRP A 1 543 ? -15.529 8.226   10.367  1.00 18.00 ? 866 TRP A CA 1 
ATOM   485 C  CA . LEU A 1 544 ? -16.704 6.424   7.286   1.00 18.00 ? 867 LEU A CA 1 
ATOM   486 C  CA . GLN A 1 545 ? -17.284 3.283   9.391   1.00 18.00 ? 868 GLN A CA 1 
ATOM   487 C  CA . ALA A 1 546 ? -18.676 5.199   12.385  1.00 18.00 ? 869 ALA A CA 1 
ATOM   488 C  CA . GLU A 1 547 ? -20.813 7.780   10.552  1.00 18.00 ? 870 GLU A CA 1 
ATOM   489 C  CA . GLN A 1 548 ? -21.656 5.284   7.777   1.00 18.00 ? 871 GLN A CA 1 
ATOM   490 C  CA . PRO A 1 549 ? -22.498 7.947   5.191   1.00 18.00 ? 872 PRO A CA 1 
ATOM   491 C  CA . ARG A 1 550 ? -23.026 6.737   1.620   1.00 18.00 ? 873 ARG A CA 1 
ATOM   492 C  CA . VAL A 1 551 ? -19.344 6.529   0.590   1.00 18.00 ? 874 VAL A CA 1 
ATOM   493 C  CA . ARG A 1 552 ? -16.769 3.856   -0.091  1.00 18.00 ? 875 ARG A CA 1 
ATOM   494 C  CA . MET A 1 553 ? -12.939 4.425   -0.185  1.00 18.00 ? 876 MET A CA 1 
ATOM   495 C  CA . ILE A 1 554 ? -12.213 2.506   -3.397  1.00 18.00 ? 877 ILE A CA 1 
ATOM   496 C  CA . MET A 1 555 ? -8.673  3.533   -4.422  1.00 18.00 ? 878 MET A CA 1 
ATOM   497 C  CA . GLN A 1 556 ? -5.336  4.840   -3.223  1.00 18.00 ? 879 GLN A CA 1 
ATOM   498 C  CA . VAL A 1 557 ? -2.916  5.985   -5.903  1.00 18.00 ? 880 VAL A CA 1 
ATOM   499 C  CA . HIS A 1 558 ? 0.019   8.231   -5.014  1.00 18.00 ? 881 HIS A CA 1 
ATOM   500 C  CA . ASP A 1 559 ? -0.774  11.372  -3.056  1.00 18.00 ? 882 ASP A CA 1 
ATOM   501 C  CA . GLU A 1 560 ? -4.439  10.639  -3.812  1.00 18.00 ? 883 GLU A CA 1 
ATOM   502 C  CA . LEU A 1 561 ? -7.225  8.618   -2.282  1.00 18.00 ? 884 LEU A CA 1 
ATOM   503 C  CA . VAL A 1 562 ? -10.256 8.219   -4.551  1.00 18.00 ? 885 VAL A CA 1 
ATOM   504 C  CA . PHE A 1 563 ? -13.755 7.391   -3.330  1.00 18.00 ? 886 PHE A CA 1 
ATOM   505 C  CA . GLU A 1 564 ? -17.201 7.009   -4.845  1.00 18.00 ? 887 GLU A CA 1 
ATOM   506 C  CA . VAL A 1 565 ? -20.021 8.854   -3.081  1.00 18.00 ? 888 VAL A CA 1 
ATOM   507 C  CA . HIS A 1 566 ? -23.762 9.049   -3.635  1.00 18.00 ? 889 HIS A CA 1 
ATOM   508 C  CA . LYS A 1 567 ? -24.408 11.807  -6.165  1.00 18.00 ? 890 LYS A CA 1 
ATOM   509 C  CA . ASP A 1 568 ? -26.754 13.530  -3.719  1.00 18.00 ? 891 ASP A CA 1 
ATOM   510 C  CA . ASP A 1 569 ? -24.117 13.478  -1.015  1.00 18.00 ? 892 ASP A CA 1 
ATOM   511 C  CA . VAL A 1 570 ? -21.090 14.515  -3.032  1.00 18.00 ? 893 VAL A CA 1 
ATOM   512 C  CA . ASP A 1 571 ? -20.962 18.102  -1.723  1.00 18.00 ? 894 ASP A CA 1 
ATOM   513 C  CA . ALA A 1 572 ? -21.326 17.470  2.025   1.00 18.00 ? 895 ALA A CA 1 
ATOM   514 C  CA . VAL A 1 573 ? -19.155 14.365  1.931   1.00 18.00 ? 896 VAL A CA 1 
ATOM   515 C  CA . ALA A 1 574 ? -16.158 16.020  0.317   1.00 18.00 ? 897 ALA A CA 1 
ATOM   516 C  CA . LYS A 1 575 ? -16.004 18.776  2.964   1.00 18.00 ? 898 LYS A CA 1 
ATOM   517 C  CA . GLN A 1 576 ? -15.346 16.265  5.741   1.00 18.00 ? 899 GLN A CA 1 
ATOM   518 C  CA . ILE A 1 577 ? -12.969 14.252  3.561   1.00 18.00 ? 900 ILE A CA 1 
ATOM   519 C  CA . HIS A 1 578 ? -11.217 17.524  2.789   1.00 18.00 ? 901 HIS A CA 1 
ATOM   520 C  CA . GLN A 1 579 ? -10.977 18.861  6.332   1.00 18.00 ? 902 GLN A CA 1 
ATOM   521 C  CA . LEU A 1 580 ? -10.043 15.443  7.728   1.00 18.00 ? 903 LEU A CA 1 
ATOM   522 C  CA . MET A 1 581 ? -7.151  15.211  5.252   1.00 18.00 ? 904 MET A CA 1 
ATOM   523 C  CA . GLU A 1 582 ? -5.818  18.659  6.193   1.00 18.00 ? 905 GLU A CA 1 
ATOM   524 C  CA . ASN A 1 583 ? -5.978  18.505  10.011  1.00 18.00 ? 906 ASN A CA 1 
ATOM   525 C  CA . CYS A 1 584 ? -6.688  15.040  11.336  1.00 18.00 ? 907 CYS A CA 1 
ATOM   526 C  CA . THR A 1 585 ? -3.275  13.915  9.995   1.00 18.00 ? 908 THR A CA 1 
ATOM   527 C  CA . ARG A 1 586 ? 0.292   15.301  10.449  1.00 18.00 ? 909 ARG A CA 1 
ATOM   528 C  CA . LEU A 1 587 ? -0.813  18.864  11.327  1.00 18.00 ? 910 LEU A CA 1 
ATOM   529 C  CA . ASP A 1 588 ? 2.818   19.817  10.807  1.00 18.00 ? 911 ASP A CA 1 
ATOM   530 C  CA . VAL A 1 589 ? 3.732   20.501  7.207   1.00 18.00 ? 912 VAL A CA 1 
ATOM   531 C  CA . PRO A 1 590 ? 1.758   23.017  5.123   1.00 18.00 ? 913 PRO A CA 1 
ATOM   532 C  CA . LEU A 1 591 ? -0.864  20.766  3.435   1.00 18.00 ? 914 LEU A CA 1 
ATOM   533 C  CA . LEU A 1 592 ? -3.641  21.498  0.950   1.00 18.00 ? 915 LEU A CA 1 
ATOM   534 C  CA . VAL A 1 593 ? -6.395  19.007  0.055   1.00 18.00 ? 916 VAL A CA 1 
ATOM   535 C  CA . GLU A 1 594 ? -7.666  19.248  -3.504  1.00 18.00 ? 917 GLU A CA 1 
ATOM   536 C  CA . VAL A 1 595 ? -11.043 17.612  -4.024  1.00 18.00 ? 918 VAL A CA 1 
ATOM   537 C  CA . GLY A 1 596 ? -12.774 16.821  -7.285  1.00 18.00 ? 919 GLY A CA 1 
ATOM   538 C  CA . SER A 1 597 ? -15.660 14.671  -8.541  1.00 18.00 ? 920 SER A CA 1 
ATOM   539 C  CA . GLY A 1 598 ? -17.173 13.517  -11.870 1.00 18.00 ? 921 GLY A CA 1 
ATOM   540 C  CA . GLU A 1 599 ? -18.652 10.330  -13.335 1.00 18.00 ? 922 GLU A CA 1 
ATOM   541 C  CA . ASN A 1 600 ? -15.219 8.789   -13.854 1.00 18.00 ? 923 ASN A CA 1 
ATOM   542 C  CA . TRP A 1 601 ? -11.655 9.551   -12.551 1.00 18.00 ? 924 TRP A CA 1 
ATOM   543 C  CA . ASP A 1 602 ? -10.396 12.059  -15.157 1.00 18.00 ? 925 ASP A CA 1 
ATOM   544 C  CA . GLN A 1 603 ? -13.266 14.428  -14.435 1.00 18.00 ? 926 GLN A CA 1 
ATOM   545 C  CA . ALA A 1 604 ? -12.236 14.054  -10.827 1.00 18.00 ? 927 ALA A CA 1 
ATOM   546 C  CA . HIS A 1 605 ? -8.505  14.699  -11.325 1.00 18.00 ? 928 HIS A CA 1 
HETATM 547 ZN ZN . ZN  B 2 .   ? -1.503  -20.708 7.552   1.00 18.00 ? 1   ZN  A ZN 1 
# 
